data_6XBF
#
_entry.id   6XBF
#
_cell.length_a   42.615
_cell.length_b   74.190
_cell.length_c   76.650
_cell.angle_alpha   95.750
_cell.angle_beta   103.460
_cell.angle_gamma   106.430
#
_symmetry.space_group_name_H-M   'P 1'
#
loop_
_entity.id
_entity.type
_entity.pdbx_description
1 polymer BlaNDM-4_1_JQ348841
2 polymer 'macrocycle inhibitor NDM1i-1G'
3 non-polymer 'ZINC ION'
4 water water
#
loop_
_entity_poly.entity_id
_entity_poly.type
_entity_poly.pdbx_seq_one_letter_code
_entity_poly.pdbx_strand_id
1 'polypeptide(L)'
;GSHMMPGEIRPTIGQQMETGDQRFGDLVFRQLAPNVWQHTSYLDMPGFGAVASNGLIVRDGGRVLVVDTAWTDDQTAQIL
NWIKQEINLPVALAVVTHAHQDKMGGMDALHAAGIATYANALSNQLAPQEGMVAAQHSLTFAANGWVEPATAPNFGPLKV
FYPGPGHTSDNITVGIDGTDIAFGGCLIKDSKAKSLGNLGDADTEHYAASARAFGAAFPKASMIVMSHSAPDSRAAITHT
ARMADKLR
;
A,B,C,D
2 'polypeptide(L)' (DAR)(DAR)L(DCY)PIPE F,G,H,I
#
loop_
_chem_comp.id
_chem_comp.type
_chem_comp.name
_chem_comp.formula
ZN non-polymer 'ZINC ION' 'Zn 2'
#
# COMPACT_ATOMS: atom_id res chain seq x y z
N GLY A 20 -8.51 -14.04 -4.13
CA GLY A 20 -7.36 -15.00 -4.02
C GLY A 20 -7.65 -16.34 -4.70
N ASP A 21 -8.91 -16.75 -4.75
CA ASP A 21 -9.35 -18.04 -5.37
C ASP A 21 -9.21 -17.98 -6.89
N GLN A 22 -8.76 -19.07 -7.50
CA GLN A 22 -8.68 -19.29 -8.97
C GLN A 22 -9.50 -20.55 -9.27
N ARG A 23 -10.44 -20.45 -10.21
CA ARG A 23 -11.35 -21.57 -10.57
C ARG A 23 -10.82 -22.24 -11.83
N PHE A 24 -10.89 -23.57 -11.89
CA PHE A 24 -10.32 -24.39 -12.98
C PHE A 24 -11.20 -25.63 -13.11
N GLY A 25 -12.01 -25.68 -14.15
CA GLY A 25 -13.19 -26.55 -14.21
C GLY A 25 -14.04 -26.38 -12.96
N ASP A 26 -14.28 -27.48 -12.26
CA ASP A 26 -15.15 -27.56 -11.06
C ASP A 26 -14.30 -27.43 -9.78
N LEU A 27 -13.02 -27.05 -9.89
CA LEU A 27 -12.08 -27.02 -8.75
C LEU A 27 -11.68 -25.57 -8.46
N VAL A 28 -11.29 -25.30 -7.21
CA VAL A 28 -10.76 -23.98 -6.77
C VAL A 28 -9.33 -24.17 -6.23
N PHE A 29 -8.44 -23.23 -6.53
CA PHE A 29 -7.06 -23.19 -6.01
C PHE A 29 -6.83 -21.85 -5.31
N ARG A 30 -6.32 -21.89 -4.09
CA ARG A 30 -5.97 -20.68 -3.32
CA ARG A 30 -5.97 -20.68 -3.32
C ARG A 30 -4.48 -20.76 -2.97
N GLN A 31 -3.72 -19.73 -3.32
CA GLN A 31 -2.28 -19.70 -2.99
C GLN A 31 -2.17 -19.30 -1.53
N LEU A 32 -1.49 -20.10 -0.71
CA LEU A 32 -1.35 -19.86 0.75
C LEU A 32 0.06 -19.36 1.06
N ALA A 33 1.02 -19.67 0.19
CA ALA A 33 2.44 -19.27 0.33
C ALA A 33 3.03 -19.20 -1.07
N PRO A 34 4.24 -18.63 -1.22
CA PRO A 34 4.88 -18.58 -2.54
C PRO A 34 4.86 -19.93 -3.27
N ASN A 35 5.05 -21.05 -2.56
CA ASN A 35 5.16 -22.41 -3.15
C ASN A 35 4.08 -23.36 -2.62
N VAL A 36 2.97 -22.84 -2.08
CA VAL A 36 1.91 -23.72 -1.48
C VAL A 36 0.55 -23.21 -1.91
N TRP A 37 -0.28 -24.13 -2.41
CA TRP A 37 -1.70 -23.87 -2.76
C TRP A 37 -2.58 -24.90 -2.03
N GLN A 38 -3.77 -24.47 -1.67
CA GLN A 38 -4.88 -25.36 -1.25
C GLN A 38 -5.67 -25.71 -2.49
N HIS A 39 -5.93 -26.98 -2.72
CA HIS A 39 -6.90 -27.42 -3.76
C HIS A 39 -8.23 -27.72 -3.08
N THR A 40 -9.33 -27.37 -3.73
CA THR A 40 -10.69 -27.68 -3.23
C THR A 40 -11.50 -28.36 -4.32
N SER A 41 -12.13 -29.47 -3.98
CA SER A 41 -13.11 -30.18 -4.85
C SER A 41 -14.44 -30.29 -4.10
N TYR A 42 -15.51 -30.47 -4.86
CA TYR A 42 -16.90 -30.45 -4.33
C TYR A 42 -17.60 -31.73 -4.76
N LEU A 43 -18.48 -32.21 -3.91
CA LEU A 43 -19.39 -33.32 -4.22
C LEU A 43 -20.80 -32.82 -3.89
N ASP A 44 -21.58 -32.51 -4.92
CA ASP A 44 -23.03 -32.19 -4.78
C ASP A 44 -23.75 -33.47 -4.34
N MET A 45 -24.35 -33.46 -3.16
CA MET A 45 -25.17 -34.57 -2.61
C MET A 45 -26.63 -34.09 -2.58
N PRO A 46 -27.58 -34.82 -3.22
CA PRO A 46 -28.95 -34.32 -3.38
C PRO A 46 -29.57 -33.99 -2.02
N GLY A 47 -30.14 -32.77 -1.89
CA GLY A 47 -30.66 -32.23 -0.62
C GLY A 47 -29.57 -31.61 0.24
N PHE A 48 -28.48 -32.34 0.52
CA PHE A 48 -27.41 -31.89 1.45
C PHE A 48 -26.63 -30.71 0.85
N GLY A 49 -26.49 -30.66 -0.48
CA GLY A 49 -25.76 -29.61 -1.19
C GLY A 49 -24.32 -30.01 -1.42
N ALA A 50 -23.52 -29.09 -1.98
CA ALA A 50 -22.09 -29.25 -2.30
C ALA A 50 -21.27 -29.38 -1.00
N VAL A 51 -20.35 -30.35 -0.94
CA VAL A 51 -19.43 -30.57 0.21
C VAL A 51 -17.99 -30.35 -0.27
N ALA A 52 -17.32 -29.32 0.25
CA ALA A 52 -15.92 -28.98 -0.08
C ALA A 52 -14.97 -29.96 0.64
N SER A 53 -13.94 -30.44 -0.07
CA SER A 53 -12.77 -31.10 0.54
C SER A 53 -11.54 -30.39 0.04
N ASN A 54 -10.62 -30.07 0.96
CA ASN A 54 -9.35 -29.34 0.68
C ASN A 54 -8.18 -30.31 0.78
N GLY A 55 -7.19 -30.15 -0.08
CA GLY A 55 -5.84 -30.72 0.06
C GLY A 55 -4.79 -29.67 -0.19
N LEU A 56 -3.52 -30.07 -0.30
CA LEU A 56 -2.38 -29.15 -0.61
C LEU A 56 -1.61 -29.57 -1.87
N ILE A 57 -1.07 -28.58 -2.56
CA ILE A 57 -0.07 -28.69 -3.65
C ILE A 57 1.16 -27.92 -3.21
N VAL A 58 2.33 -28.55 -3.24
CA VAL A 58 3.60 -27.91 -2.79
C VAL A 58 4.61 -27.95 -3.94
N ARG A 59 5.09 -26.77 -4.35
CA ARG A 59 6.26 -26.65 -5.24
C ARG A 59 7.52 -26.71 -4.39
N ASP A 60 8.35 -27.71 -4.65
CA ASP A 60 9.63 -27.94 -3.95
C ASP A 60 10.76 -28.04 -5.00
N GLY A 61 11.41 -26.92 -5.29
CA GLY A 61 12.43 -26.81 -6.36
C GLY A 61 11.82 -27.13 -7.71
N GLY A 62 12.26 -28.24 -8.31
CA GLY A 62 11.92 -28.64 -9.69
C GLY A 62 10.85 -29.70 -9.74
N ARG A 63 10.12 -29.92 -8.65
CA ARG A 63 9.03 -30.93 -8.58
C ARG A 63 7.89 -30.42 -7.71
N VAL A 64 6.72 -31.05 -7.87
CA VAL A 64 5.49 -30.78 -7.09
C VAL A 64 5.16 -32.01 -6.22
N LEU A 65 4.73 -31.76 -4.99
CA LEU A 65 4.20 -32.75 -4.02
C LEU A 65 2.73 -32.43 -3.73
N VAL A 66 1.85 -33.42 -3.78
CA VAL A 66 0.39 -33.27 -3.52
C VAL A 66 0.05 -33.92 -2.18
N VAL A 67 -0.79 -33.26 -1.39
CA VAL A 67 -1.38 -33.87 -0.16
C VAL A 67 -2.86 -34.09 -0.44
N ASP A 68 -3.30 -35.34 -0.45
CA ASP A 68 -4.71 -35.77 -0.65
C ASP A 68 -5.15 -35.64 -2.12
N THR A 69 -6.05 -36.53 -2.54
CA THR A 69 -6.77 -36.46 -3.83
C THR A 69 -8.02 -35.60 -3.65
N ALA A 70 -8.74 -35.40 -4.75
CA ALA A 70 -10.12 -34.89 -4.76
C ALA A 70 -11.06 -36.06 -4.48
N TRP A 71 -12.36 -35.79 -4.42
CA TRP A 71 -13.42 -36.81 -4.22
C TRP A 71 -13.36 -37.90 -5.30
N THR A 72 -12.98 -37.56 -6.53
CA THR A 72 -13.08 -38.49 -7.69
C THR A 72 -11.79 -38.47 -8.53
N ASP A 73 -11.66 -39.50 -9.35
CA ASP A 73 -10.59 -39.64 -10.37
C ASP A 73 -10.61 -38.42 -11.32
N ASP A 74 -11.77 -38.10 -11.89
CA ASP A 74 -11.98 -36.95 -12.82
C ASP A 74 -11.50 -35.66 -12.17
N GLN A 75 -11.98 -35.36 -10.97
CA GLN A 75 -11.57 -34.13 -10.23
C GLN A 75 -10.05 -34.18 -10.01
N THR A 76 -9.48 -35.35 -9.71
CA THR A 76 -8.04 -35.47 -9.39
C THR A 76 -7.21 -35.24 -10.65
N ALA A 77 -7.66 -35.74 -11.81
CA ALA A 77 -7.07 -35.45 -13.15
C ALA A 77 -7.03 -33.94 -13.40
N GLN A 78 -8.11 -33.22 -13.07
CA GLN A 78 -8.17 -31.74 -13.19
C GLN A 78 -7.13 -31.09 -12.28
N ILE A 79 -6.84 -31.63 -11.09
CA ILE A 79 -5.77 -31.08 -10.20
C ILE A 79 -4.44 -31.18 -10.97
N LEU A 80 -4.18 -32.33 -11.59
CA LEU A 80 -2.93 -32.57 -12.36
C LEU A 80 -2.86 -31.61 -13.56
N ASN A 81 -3.99 -31.33 -14.21
CA ASN A 81 -4.05 -30.44 -15.39
C ASN A 81 -3.70 -29.02 -14.95
N TRP A 82 -4.24 -28.58 -13.81
CA TRP A 82 -4.02 -27.23 -13.24
C TRP A 82 -2.53 -27.07 -12.92
N ILE A 83 -1.93 -28.08 -12.30
CA ILE A 83 -0.49 -28.06 -11.92
C ILE A 83 0.31 -27.91 -13.20
N LYS A 84 -0.03 -28.72 -14.20
CA LYS A 84 0.60 -28.68 -15.55
C LYS A 84 0.56 -27.24 -16.07
N GLN A 85 -0.63 -26.63 -16.02
CA GLN A 85 -0.89 -25.29 -16.57
C GLN A 85 -0.18 -24.22 -15.73
N GLU A 86 -0.38 -24.17 -14.41
CA GLU A 86 0.07 -23.03 -13.57
C GLU A 86 1.51 -23.21 -13.10
N ILE A 87 1.96 -24.44 -12.86
CA ILE A 87 3.29 -24.71 -12.25
C ILE A 87 4.22 -25.37 -13.29
N ASN A 88 3.69 -26.28 -14.10
CA ASN A 88 4.45 -26.95 -15.18
C ASN A 88 5.76 -27.49 -14.61
N LEU A 89 5.64 -28.30 -13.56
CA LEU A 89 6.71 -29.18 -13.03
C LEU A 89 6.09 -30.57 -12.84
N PRO A 90 6.88 -31.67 -12.88
CA PRO A 90 6.33 -32.99 -12.63
C PRO A 90 5.92 -33.16 -11.16
N VAL A 91 4.89 -33.97 -10.93
CA VAL A 91 4.45 -34.38 -9.57
C VAL A 91 5.26 -35.62 -9.14
N ALA A 92 6.22 -35.44 -8.22
CA ALA A 92 7.12 -36.50 -7.73
C ALA A 92 6.31 -37.55 -6.94
N LEU A 93 5.40 -37.10 -6.07
CA LEU A 93 4.69 -37.99 -5.10
C LEU A 93 3.43 -37.31 -4.58
N ALA A 94 2.53 -38.12 -4.07
CA ALA A 94 1.34 -37.67 -3.34
C ALA A 94 1.27 -38.44 -2.03
N VAL A 95 0.90 -37.76 -0.94
CA VAL A 95 0.58 -38.43 0.35
C VAL A 95 -0.91 -38.20 0.65
N VAL A 96 -1.62 -39.23 1.06
CA VAL A 96 -3.08 -39.18 1.39
C VAL A 96 -3.23 -39.48 2.89
N THR A 97 -4.15 -38.75 3.53
CA THR A 97 -4.14 -38.56 5.01
C THR A 97 -5.13 -39.49 5.72
N HIS A 98 -6.02 -40.17 4.99
CA HIS A 98 -6.72 -41.39 5.49
C HIS A 98 -7.60 -42.01 4.42
N ALA A 99 -8.10 -43.21 4.69
CA ALA A 99 -8.83 -44.08 3.75
C ALA A 99 -10.31 -43.68 3.73
N HIS A 100 -10.62 -42.43 3.39
CA HIS A 100 -11.99 -41.98 3.01
C HIS A 100 -11.96 -41.37 1.60
N GLN A 101 -13.13 -41.35 0.95
CA GLN A 101 -13.38 -40.88 -0.43
C GLN A 101 -12.78 -39.47 -0.65
N ASP A 102 -12.99 -38.53 0.26
CA ASP A 102 -12.52 -37.12 0.09
C ASP A 102 -10.99 -37.07 -0.03
N LYS A 103 -10.27 -38.02 0.55
CA LYS A 103 -8.78 -37.99 0.65
C LYS A 103 -8.15 -38.99 -0.33
N MET A 104 -8.86 -40.08 -0.65
CA MET A 104 -8.29 -41.20 -1.45
C MET A 104 -9.18 -41.55 -2.64
N GLY A 105 -10.28 -40.83 -2.89
CA GLY A 105 -11.18 -41.07 -4.05
C GLY A 105 -10.48 -41.07 -5.41
N GLY A 106 -9.34 -40.39 -5.54
CA GLY A 106 -8.68 -40.14 -6.84
C GLY A 106 -7.38 -40.89 -7.03
N MET A 107 -7.16 -41.99 -6.32
CA MET A 107 -5.88 -42.73 -6.36
C MET A 107 -5.61 -43.25 -7.79
N ASP A 108 -6.59 -43.83 -8.48
CA ASP A 108 -6.42 -44.34 -9.89
C ASP A 108 -5.91 -43.24 -10.82
N ALA A 109 -6.36 -42.01 -10.65
CA ALA A 109 -5.95 -40.86 -11.49
C ALA A 109 -4.46 -40.53 -11.26
N LEU A 110 -3.98 -40.62 -10.02
CA LEU A 110 -2.54 -40.36 -9.70
C LEU A 110 -1.70 -41.51 -10.28
N HIS A 111 -2.20 -42.72 -10.16
CA HIS A 111 -1.51 -43.96 -10.65
C HIS A 111 -1.40 -43.88 -12.18
N ALA A 112 -2.51 -43.64 -12.86
CA ALA A 112 -2.56 -43.50 -14.34
C ALA A 112 -1.49 -42.51 -14.80
N ALA A 113 -1.21 -41.48 -14.00
CA ALA A 113 -0.24 -40.41 -14.29
C ALA A 113 1.18 -40.85 -13.89
N GLY A 114 1.37 -42.08 -13.42
CA GLY A 114 2.66 -42.57 -12.91
C GLY A 114 3.18 -41.79 -11.70
N ILE A 115 2.30 -41.33 -10.80
CA ILE A 115 2.68 -40.60 -9.55
C ILE A 115 2.83 -41.61 -8.41
N ALA A 116 3.97 -41.62 -7.73
CA ALA A 116 4.22 -42.48 -6.54
C ALA A 116 3.31 -42.01 -5.38
N THR A 117 2.50 -42.93 -4.83
CA THR A 117 1.56 -42.60 -3.73
C THR A 117 2.01 -43.25 -2.42
N TYR A 118 1.83 -42.49 -1.34
CA TYR A 118 2.19 -42.85 0.06
C TYR A 118 0.95 -42.65 0.93
N ALA A 119 0.75 -43.59 1.83
CA ALA A 119 -0.32 -43.53 2.86
C ALA A 119 0.22 -44.24 4.09
N ASN A 120 -0.34 -43.91 5.25
CA ASN A 120 -0.23 -44.72 6.48
C ASN A 120 -0.46 -46.18 6.11
N ALA A 121 0.43 -47.08 6.53
CA ALA A 121 0.27 -48.54 6.32
C ALA A 121 -1.17 -48.94 6.67
N LEU A 122 -1.72 -48.42 7.77
CA LEU A 122 -3.08 -48.78 8.24
C LEU A 122 -4.13 -48.27 7.24
N SER A 123 -3.91 -47.11 6.60
CA SER A 123 -4.79 -46.56 5.53
C SER A 123 -4.82 -47.58 4.37
N ASN A 124 -3.65 -48.04 3.95
CA ASN A 124 -3.51 -49.05 2.86
C ASN A 124 -4.23 -50.33 3.28
N GLN A 125 -4.17 -50.70 4.57
CA GLN A 125 -4.77 -51.94 5.10
C GLN A 125 -6.29 -51.81 5.14
N LEU A 126 -6.80 -50.65 5.50
CA LEU A 126 -8.26 -50.36 5.62
C LEU A 126 -8.88 -50.09 4.23
N ALA A 127 -8.07 -49.68 3.25
CA ALA A 127 -8.52 -49.15 1.95
C ALA A 127 -9.57 -50.07 1.33
N PRO A 128 -9.31 -51.39 1.10
CA PRO A 128 -10.30 -52.28 0.49
C PRO A 128 -11.67 -52.29 1.17
N GLN A 129 -11.72 -52.40 2.49
CA GLN A 129 -13.01 -52.36 3.24
C GLN A 129 -13.71 -51.03 3.00
N GLU A 130 -12.97 -49.93 2.81
CA GLU A 130 -13.51 -48.56 2.69
C GLU A 130 -13.88 -48.26 1.24
N GLY A 131 -13.58 -49.18 0.31
CA GLY A 131 -13.81 -49.00 -1.13
C GLY A 131 -12.79 -48.07 -1.76
N MET A 132 -11.59 -47.99 -1.17
CA MET A 132 -10.51 -47.14 -1.72
C MET A 132 -9.45 -48.04 -2.36
N VAL A 133 -8.77 -47.50 -3.37
CA VAL A 133 -7.52 -48.08 -3.94
C VAL A 133 -6.39 -47.70 -2.98
N ALA A 134 -5.57 -48.66 -2.57
CA ALA A 134 -4.45 -48.44 -1.62
C ALA A 134 -3.36 -47.64 -2.34
N ALA A 135 -2.60 -46.84 -1.59
CA ALA A 135 -1.38 -46.18 -2.09
C ALA A 135 -0.34 -47.26 -2.45
N GLN A 136 0.64 -46.92 -3.28
CA GLN A 136 1.72 -47.84 -3.71
C GLN A 136 2.66 -48.12 -2.54
N HIS A 137 2.91 -47.13 -1.68
CA HIS A 137 3.86 -47.23 -0.54
C HIS A 137 3.15 -46.98 0.79
N SER A 138 3.68 -47.61 1.85
CA SER A 138 3.20 -47.53 3.25
C SER A 138 4.16 -46.69 4.09
N LEU A 139 3.61 -45.70 4.81
CA LEU A 139 4.32 -44.94 5.86
C LEU A 139 4.15 -45.68 7.19
N THR A 140 5.22 -45.76 7.98
CA THR A 140 5.20 -46.24 9.39
C THR A 140 5.68 -45.11 10.28
N PHE A 141 5.35 -45.18 11.58
CA PHE A 141 5.58 -44.09 12.55
C PHE A 141 6.29 -44.65 13.79
N ALA A 142 7.14 -43.83 14.39
CA ALA A 142 7.71 -44.03 15.74
C ALA A 142 6.59 -43.88 16.78
N ALA A 143 6.85 -44.30 18.02
CA ALA A 143 5.92 -44.22 19.16
C ALA A 143 5.57 -42.76 19.46
N ASN A 144 6.43 -41.80 19.08
CA ASN A 144 6.21 -40.35 19.31
C ASN A 144 5.34 -39.74 18.20
N GLY A 145 5.01 -40.51 17.16
CA GLY A 145 4.09 -40.06 16.08
C GLY A 145 4.79 -39.61 14.80
N TRP A 146 6.10 -39.37 14.83
CA TRP A 146 6.87 -38.89 13.64
C TRP A 146 7.11 -40.04 12.67
N VAL A 147 6.97 -39.76 11.37
CA VAL A 147 7.11 -40.79 10.31
C VAL A 147 8.54 -41.30 10.34
N GLU A 148 8.72 -42.60 10.11
CA GLU A 148 10.02 -43.25 9.88
C GLU A 148 10.55 -42.73 8.55
N PRO A 149 11.66 -41.93 8.53
CA PRO A 149 12.14 -41.29 7.31
C PRO A 149 12.41 -42.25 6.14
N ALA A 150 12.81 -43.50 6.41
CA ALA A 150 13.09 -44.52 5.37
C ALA A 150 11.82 -44.88 4.59
N THR A 151 10.61 -44.73 5.19
CA THR A 151 9.31 -45.00 4.52
C THR A 151 8.84 -43.78 3.72
N ALA A 152 9.45 -42.60 3.95
CA ALA A 152 9.09 -41.31 3.29
C ALA A 152 10.31 -40.65 2.66
N PRO A 153 10.95 -41.32 1.67
CA PRO A 153 12.18 -40.78 1.08
C PRO A 153 11.89 -39.56 0.20
N ASN A 154 12.77 -38.56 0.24
CA ASN A 154 12.71 -37.34 -0.60
C ASN A 154 11.33 -36.68 -0.45
N PHE A 155 10.87 -36.44 0.77
CA PHE A 155 9.59 -35.73 1.05
C PHE A 155 9.86 -34.22 1.13
N GLY A 156 11.10 -33.79 0.97
CA GLY A 156 11.47 -32.36 1.01
C GLY A 156 10.84 -31.69 2.23
N PRO A 157 10.04 -30.62 2.06
CA PRO A 157 9.50 -29.87 3.20
C PRO A 157 8.30 -30.55 3.89
N LEU A 158 7.81 -31.69 3.37
CA LEU A 158 6.67 -32.40 3.98
C LEU A 158 7.16 -33.12 5.24
N LYS A 159 6.68 -32.67 6.40
CA LYS A 159 6.91 -33.29 7.73
C LYS A 159 5.64 -34.03 8.11
N VAL A 160 5.66 -35.36 7.96
CA VAL A 160 4.45 -36.19 8.21
C VAL A 160 4.45 -36.67 9.66
N PHE A 161 3.32 -36.45 10.33
CA PHE A 161 3.12 -36.76 11.76
C PHE A 161 1.79 -37.51 11.92
N TYR A 162 1.86 -38.69 12.54
CA TYR A 162 0.67 -39.45 13.01
C TYR A 162 0.36 -39.00 14.44
N PRO A 163 -0.72 -38.25 14.68
CA PRO A 163 -1.00 -37.69 16.02
C PRO A 163 -1.73 -38.67 16.94
N GLY A 164 -2.06 -39.86 16.47
CA GLY A 164 -2.89 -40.82 17.20
C GLY A 164 -4.30 -40.81 16.65
N PRO A 165 -5.15 -41.77 17.09
CA PRO A 165 -6.50 -41.90 16.58
C PRO A 165 -7.39 -40.70 16.94
N GLY A 166 -8.29 -40.34 16.03
CA GLY A 166 -9.24 -39.25 16.25
C GLY A 166 -10.40 -39.37 15.28
N HIS A 167 -10.37 -38.62 14.18
CA HIS A 167 -11.36 -38.73 13.08
C HIS A 167 -11.44 -40.19 12.64
N THR A 168 -10.28 -40.79 12.46
CA THR A 168 -10.11 -42.25 12.20
C THR A 168 -8.89 -42.71 13.01
N SER A 169 -8.68 -44.01 13.04
CA SER A 169 -7.48 -44.66 13.61
C SER A 169 -6.26 -44.34 12.75
N ASP A 170 -6.43 -44.09 11.44
CA ASP A 170 -5.32 -44.00 10.45
C ASP A 170 -5.03 -42.53 10.11
N ASN A 171 -5.81 -41.55 10.61
CA ASN A 171 -5.63 -40.14 10.20
C ASN A 171 -4.17 -39.68 10.43
N ILE A 172 -3.57 -39.08 9.41
CA ILE A 172 -2.20 -38.48 9.49
C ILE A 172 -2.27 -36.99 9.16
N THR A 173 -1.20 -36.28 9.49
CA THR A 173 -1.09 -34.81 9.34
C THR A 173 0.24 -34.45 8.69
N VAL A 174 0.32 -33.26 8.12
CA VAL A 174 1.50 -32.79 7.31
C VAL A 174 1.78 -31.33 7.64
N GLY A 175 3.00 -31.05 8.09
CA GLY A 175 3.50 -29.66 8.17
C GLY A 175 4.38 -29.36 6.97
N ILE A 176 4.34 -28.13 6.46
CA ILE A 176 5.26 -27.68 5.38
C ILE A 176 6.42 -26.90 6.03
N ASP A 177 7.58 -27.54 6.10
CA ASP A 177 8.82 -26.91 6.63
C ASP A 177 9.09 -25.60 5.88
N GLY A 178 9.47 -24.55 6.62
CA GLY A 178 9.80 -23.20 6.11
C GLY A 178 8.56 -22.40 5.74
N THR A 179 7.38 -22.79 6.23
CA THR A 179 6.11 -22.03 6.07
C THR A 179 5.40 -21.94 7.43
N ASP A 180 4.27 -21.24 7.45
CA ASP A 180 3.42 -21.10 8.64
C ASP A 180 2.28 -22.12 8.54
N ILE A 181 2.42 -23.12 7.66
CA ILE A 181 1.29 -24.00 7.28
C ILE A 181 1.47 -25.39 7.89
N ALA A 182 0.43 -25.86 8.57
CA ALA A 182 0.28 -27.27 8.93
C ALA A 182 -1.13 -27.72 8.53
N PHE A 183 -1.23 -28.95 8.05
CA PHE A 183 -2.46 -29.55 7.50
C PHE A 183 -2.98 -30.61 8.48
N GLY A 184 -4.14 -30.33 9.11
CA GLY A 184 -4.79 -31.26 10.04
C GLY A 184 -5.70 -32.26 9.34
N GLY A 185 -5.96 -32.07 8.04
CA GLY A 185 -6.90 -32.93 7.32
C GLY A 185 -8.25 -32.92 7.98
N CYS A 186 -8.88 -34.08 8.13
CA CYS A 186 -10.27 -34.20 8.68
C CYS A 186 -10.24 -34.28 10.23
N LEU A 187 -9.06 -34.37 10.85
CA LEU A 187 -8.91 -34.43 12.33
C LEU A 187 -9.34 -33.09 12.94
N ILE A 188 -8.96 -31.97 12.34
CA ILE A 188 -9.16 -30.61 12.91
C ILE A 188 -10.43 -29.98 12.31
N LYS A 189 -11.23 -29.34 13.16
CA LYS A 189 -12.41 -28.53 12.74
C LYS A 189 -12.07 -27.06 12.92
N ASP A 190 -12.82 -26.15 12.29
CA ASP A 190 -12.54 -24.70 12.39
C ASP A 190 -12.94 -24.20 13.79
N SER A 191 -12.31 -23.10 14.23
CA SER A 191 -12.48 -22.48 15.56
C SER A 191 -13.94 -22.07 15.83
N LYS A 192 -14.77 -21.92 14.80
CA LYS A 192 -16.19 -21.50 14.96
C LYS A 192 -17.12 -22.72 14.83
N ALA A 193 -16.58 -23.95 14.78
CA ALA A 193 -17.39 -25.15 14.53
C ALA A 193 -18.30 -25.41 15.75
N LYS A 194 -19.55 -25.81 15.49
CA LYS A 194 -20.58 -26.05 16.55
C LYS A 194 -20.38 -27.44 17.17
N SER A 195 -19.76 -28.37 16.43
CA SER A 195 -19.56 -29.79 16.82
C SER A 195 -18.35 -30.40 16.07
N LEU A 196 -18.05 -31.67 16.34
CA LEU A 196 -17.01 -32.47 15.66
C LEU A 196 -17.64 -33.21 14.48
N GLY A 197 -18.90 -32.89 14.16
CA GLY A 197 -19.68 -33.56 13.10
C GLY A 197 -20.01 -34.98 13.50
N ASN A 198 -20.08 -35.87 12.51
CA ASN A 198 -20.43 -37.31 12.67
C ASN A 198 -19.31 -38.00 13.46
N LEU A 199 -19.66 -38.69 14.54
CA LEU A 199 -18.72 -39.38 15.45
C LEU A 199 -18.82 -40.90 15.25
N GLY A 200 -18.98 -41.32 14.00
CA GLY A 200 -19.24 -42.71 13.60
C GLY A 200 -17.98 -43.54 13.61
N ASP A 201 -16.96 -43.17 12.85
CA ASP A 201 -15.72 -43.99 12.71
C ASP A 201 -14.61 -43.44 13.62
N ALA A 202 -14.96 -42.67 14.63
CA ALA A 202 -14.06 -41.81 15.43
C ALA A 202 -13.64 -42.54 16.70
N ASP A 203 -12.42 -42.25 17.16
CA ASP A 203 -11.91 -42.64 18.49
C ASP A 203 -12.21 -41.47 19.43
N THR A 204 -13.39 -41.43 20.05
CA THR A 204 -13.82 -40.30 20.93
C THR A 204 -12.92 -40.24 22.19
N GLU A 205 -12.34 -41.35 22.62
CA GLU A 205 -11.50 -41.36 23.83
C GLU A 205 -10.17 -40.63 23.56
N HIS A 206 -9.50 -40.90 22.44
CA HIS A 206 -8.12 -40.42 22.17
C HIS A 206 -8.13 -39.16 21.31
N TYR A 207 -9.29 -38.71 20.83
CA TYR A 207 -9.44 -37.60 19.87
C TYR A 207 -8.75 -36.35 20.44
N ALA A 208 -9.15 -35.92 21.65
CA ALA A 208 -8.65 -34.68 22.29
C ALA A 208 -7.11 -34.70 22.32
N ALA A 209 -6.50 -35.81 22.74
CA ALA A 209 -5.03 -35.93 22.87
C ALA A 209 -4.39 -35.90 21.48
N SER A 210 -5.07 -36.47 20.48
CA SER A 210 -4.56 -36.53 19.09
C SER A 210 -4.52 -35.10 18.53
N ALA A 211 -5.59 -34.33 18.75
CA ALA A 211 -5.69 -32.90 18.36
C ALA A 211 -4.50 -32.15 18.96
N ARG A 212 -4.23 -32.37 20.26
CA ARG A 212 -3.17 -31.61 20.98
C ARG A 212 -1.80 -32.05 20.46
N ALA A 213 -1.59 -33.33 20.18
CA ALA A 213 -0.32 -33.86 19.63
C ALA A 213 0.02 -33.17 18.30
N PHE A 214 -0.98 -32.94 17.46
CA PHE A 214 -0.84 -32.23 16.15
C PHE A 214 -0.28 -30.82 16.41
N GLY A 215 -0.94 -30.11 17.35
CA GLY A 215 -0.51 -28.80 17.87
C GLY A 215 0.97 -28.80 18.25
N ALA A 216 1.39 -29.73 19.12
CA ALA A 216 2.75 -29.78 19.69
C ALA A 216 3.77 -30.15 18.60
N ALA A 217 3.35 -30.90 17.59
CA ALA A 217 4.22 -31.41 16.49
C ALA A 217 4.65 -30.23 15.61
N PHE A 218 3.75 -29.25 15.40
CA PHE A 218 4.00 -28.09 14.52
C PHE A 218 3.72 -26.81 15.30
N PRO A 219 4.57 -26.48 16.30
CA PRO A 219 4.29 -25.34 17.18
C PRO A 219 4.35 -23.98 16.47
N LYS A 220 5.07 -23.89 15.34
CA LYS A 220 5.31 -22.64 14.60
C LYS A 220 4.21 -22.41 13.54
N ALA A 221 3.31 -23.37 13.34
CA ALA A 221 2.26 -23.25 12.32
C ALA A 221 1.21 -22.27 12.83
N SER A 222 1.05 -21.12 12.19
CA SER A 222 0.04 -20.11 12.54
C SER A 222 -1.17 -20.27 11.59
N MET A 223 -0.99 -20.88 10.43
CA MET A 223 -2.09 -21.18 9.48
C MET A 223 -2.38 -22.70 9.52
N ILE A 224 -3.58 -23.05 9.95
CA ILE A 224 -4.04 -24.46 10.08
C ILE A 224 -5.04 -24.72 8.94
N VAL A 225 -4.61 -25.52 7.96
CA VAL A 225 -5.42 -25.92 6.79
C VAL A 225 -6.13 -27.22 7.18
N MET A 226 -7.38 -27.36 6.79
CA MET A 226 -8.16 -28.60 7.11
C MET A 226 -9.09 -28.94 5.94
N SER A 227 -9.65 -30.14 5.94
CA SER A 227 -10.42 -30.72 4.80
C SER A 227 -11.70 -29.94 4.51
N HIS A 228 -12.45 -29.50 5.53
CA HIS A 228 -13.85 -29.07 5.31
C HIS A 228 -14.10 -27.64 5.82
N SER A 229 -13.05 -26.86 6.00
CA SER A 229 -13.17 -25.44 6.39
C SER A 229 -12.02 -24.66 5.76
N ALA A 230 -12.17 -23.34 5.69
CA ALA A 230 -11.14 -22.44 5.17
C ALA A 230 -9.97 -22.48 6.14
N PRO A 231 -8.73 -22.19 5.69
CA PRO A 231 -7.60 -22.08 6.59
C PRO A 231 -7.94 -21.20 7.80
N ASP A 232 -7.43 -21.58 8.98
CA ASP A 232 -7.80 -20.97 10.28
C ASP A 232 -6.53 -20.76 11.10
N SER A 233 -6.68 -20.16 12.29
CA SER A 233 -5.60 -19.98 13.28
C SER A 233 -5.50 -21.24 14.14
N ARG A 234 -4.49 -21.31 15.01
CA ARG A 234 -4.31 -22.39 15.99
C ARG A 234 -5.54 -22.53 16.89
N ALA A 235 -6.44 -21.55 16.91
CA ALA A 235 -7.72 -21.64 17.66
C ALA A 235 -8.53 -22.85 17.18
N ALA A 236 -8.33 -23.33 15.95
CA ALA A 236 -8.97 -24.54 15.40
C ALA A 236 -8.51 -25.80 16.14
N ILE A 237 -7.22 -25.88 16.46
CA ILE A 237 -6.63 -27.01 17.23
C ILE A 237 -7.23 -26.99 18.65
N THR A 238 -7.15 -25.88 19.38
CA THR A 238 -7.59 -25.79 20.79
C THR A 238 -9.11 -26.00 20.84
N HIS A 239 -9.91 -25.39 19.97
CA HIS A 239 -11.37 -25.62 19.90
C HIS A 239 -11.66 -27.09 19.66
N THR A 240 -10.95 -27.74 18.73
CA THR A 240 -11.22 -29.14 18.33
C THR A 240 -10.97 -30.00 19.57
N ALA A 241 -9.82 -29.79 20.21
CA ALA A 241 -9.39 -30.54 21.41
C ALA A 241 -10.41 -30.32 22.55
N ARG A 242 -10.93 -29.12 22.71
CA ARG A 242 -11.86 -28.77 23.83
C ARG A 242 -13.22 -29.39 23.56
N MET A 243 -13.67 -29.47 22.30
CA MET A 243 -14.92 -30.19 21.94
C MET A 243 -14.71 -31.69 22.26
N ALA A 244 -13.54 -32.24 21.91
CA ALA A 244 -13.21 -33.66 22.10
C ALA A 244 -13.14 -33.99 23.60
N ASP A 245 -12.69 -33.04 24.41
CA ASP A 245 -12.62 -33.17 25.89
C ASP A 245 -13.99 -33.56 26.45
N LYS A 246 -15.08 -33.00 25.89
CA LYS A 246 -16.47 -33.21 26.37
C LYS A 246 -17.01 -34.57 25.92
N LEU A 247 -16.23 -35.38 25.22
CA LEU A 247 -16.60 -36.75 24.82
C LEU A 247 -16.09 -37.74 25.87
N ARG A 248 -14.83 -37.58 26.28
CA ARG A 248 -14.14 -38.44 27.26
C ARG A 248 -14.65 -38.07 28.65
N DAR B 1 -22.57 -43.72 2.45
CA DAR B 1 -21.59 -44.00 1.39
CB DAR B 1 -21.58 -45.50 1.02
C DAR B 1 -20.17 -43.61 1.79
O DAR B 1 -19.25 -43.82 1.01
N DAR B 2 -19.95 -43.08 3.00
CA DAR B 2 -18.62 -42.72 3.47
CB DAR B 2 -18.66 -42.47 4.98
CG DAR B 2 -17.29 -42.29 5.59
CD DAR B 2 -17.34 -41.84 7.05
NE DAR B 2 -17.31 -42.95 7.98
CZ DAR B 2 -18.31 -43.32 8.79
NH1 DAR B 2 -19.31 -42.48 9.06
NH2 DAR B 2 -18.36 -44.56 9.26
C DAR B 2 -18.11 -41.47 2.73
O DAR B 2 -16.90 -41.34 2.46
N LEU B 3 -19.02 -40.54 2.46
CA LEU B 3 -18.68 -39.29 1.79
C LEU B 3 -18.17 -38.26 2.79
N DCY B 4 -17.02 -38.56 3.40
CA DCY B 4 -16.37 -37.70 4.38
C DCY B 4 -17.30 -37.43 5.54
O DCY B 4 -17.65 -38.36 6.25
CB DCY B 4 -15.16 -38.42 4.94
SG DCY B 4 -14.19 -37.42 6.11
N PRO B 5 -17.73 -36.16 5.77
CA PRO B 5 -18.61 -35.82 6.88
C PRO B 5 -20.01 -36.45 6.76
N ILE B 6 -20.45 -36.68 5.53
CA ILE B 6 -21.77 -37.32 5.24
C ILE B 6 -21.61 -38.83 5.38
N PRO B 7 -22.26 -39.49 6.37
CA PRO B 7 -22.06 -40.92 6.61
C PRO B 7 -22.58 -41.86 5.53
N GLU B 8 -23.61 -41.48 4.77
CA GLU B 8 -24.20 -42.31 3.67
C GLU B 8 -23.12 -42.51 2.59
N GLY C 20 16.01 -10.94 28.30
CA GLY C 20 15.32 -10.99 26.98
C GLY C 20 16.28 -11.19 25.82
N ASP C 21 17.53 -10.71 25.93
CA ASP C 21 18.53 -10.68 24.83
C ASP C 21 19.01 -12.11 24.52
N GLN C 22 19.17 -12.41 23.24
CA GLN C 22 19.70 -13.70 22.72
C GLN C 22 20.87 -13.36 21.81
N ARG C 23 22.03 -13.97 22.04
CA ARG C 23 23.25 -13.71 21.24
C ARG C 23 23.39 -14.79 20.17
N PHE C 24 23.81 -14.41 18.98
CA PHE C 24 23.96 -15.29 17.79
C PHE C 24 25.13 -14.76 16.97
N GLY C 25 26.25 -15.48 17.00
CA GLY C 25 27.57 -14.92 16.65
C GLY C 25 27.80 -13.61 17.39
N ASP C 26 28.09 -12.54 16.65
CA ASP C 26 28.39 -11.21 17.23
C ASP C 26 27.17 -10.31 17.17
N LEU C 27 25.98 -10.89 17.00
CA LEU C 27 24.70 -10.13 16.95
C LEU C 27 23.85 -10.44 18.18
N VAL C 28 23.00 -9.49 18.57
CA VAL C 28 22.00 -9.66 19.67
C VAL C 28 20.59 -9.48 19.11
N PHE C 29 19.65 -10.32 19.57
CA PHE C 29 18.21 -10.23 19.19
C PHE C 29 17.38 -10.11 20.46
N ARG C 30 16.49 -9.12 20.51
CA ARG C 30 15.55 -8.89 21.63
C ARG C 30 14.12 -8.94 21.09
N GLN C 31 13.27 -9.79 21.65
CA GLN C 31 11.86 -9.88 21.24
C GLN C 31 11.12 -8.69 21.87
N LEU C 32 10.44 -7.88 21.07
CA LEU C 32 9.71 -6.68 21.54
C LEU C 32 8.20 -6.95 21.53
N ALA C 33 7.75 -7.91 20.73
CA ALA C 33 6.33 -8.29 20.59
C ALA C 33 6.29 -9.74 20.15
N PRO C 34 5.11 -10.40 20.20
CA PRO C 34 4.98 -11.77 19.70
C PRO C 34 5.66 -11.99 18.34
N ASN C 35 5.54 -11.03 17.42
CA ASN C 35 6.04 -11.16 16.02
C ASN C 35 7.06 -10.06 15.67
N VAL C 36 7.72 -9.45 16.66
CA VAL C 36 8.67 -8.35 16.40
C VAL C 36 9.92 -8.54 17.26
N TRP C 37 11.09 -8.44 16.64
CA TRP C 37 12.43 -8.46 17.31
C TRP C 37 13.20 -7.23 16.86
N GLN C 38 14.05 -6.73 17.76
CA GLN C 38 15.12 -5.76 17.44
C GLN C 38 16.38 -6.57 17.14
N HIS C 39 17.04 -6.32 16.02
CA HIS C 39 18.41 -6.87 15.78
C HIS C 39 19.45 -5.80 16.12
N THR C 40 20.58 -6.20 16.71
CA THR C 40 21.68 -5.28 17.03
C THR C 40 22.99 -5.84 16.49
N SER C 41 23.72 -5.00 15.76
CA SER C 41 25.11 -5.30 15.30
C SER C 41 26.06 -4.23 15.87
N TYR C 42 27.34 -4.56 15.95
CA TYR C 42 28.37 -3.71 16.58
C TYR C 42 29.52 -3.49 15.62
N LEU C 43 30.12 -2.32 15.73
CA LEU C 43 31.36 -1.98 15.01
C LEU C 43 32.31 -1.38 16.04
N ASP C 44 33.32 -2.13 16.44
CA ASP C 44 34.28 -1.74 17.53
C ASP C 44 35.16 -0.61 17.00
N MET C 45 35.11 0.57 17.61
CA MET C 45 35.88 1.77 17.24
C MET C 45 36.86 2.09 18.37
N PRO C 46 38.17 2.27 18.10
CA PRO C 46 39.13 2.67 19.13
C PRO C 46 38.66 3.94 19.88
N GLY C 47 38.64 3.88 21.21
CA GLY C 47 38.31 5.02 22.09
C GLY C 47 36.82 5.24 22.24
N PHE C 48 35.97 4.49 21.51
CA PHE C 48 34.50 4.47 21.69
C PHE C 48 34.03 3.09 22.17
N GLY C 49 34.79 2.03 21.88
CA GLY C 49 34.39 0.62 22.14
C GLY C 49 33.45 0.13 21.05
N ALA C 50 32.57 -0.83 21.34
CA ALA C 50 31.50 -1.32 20.42
C ALA C 50 30.48 -0.20 20.19
N VAL C 51 30.08 0.04 18.92
CA VAL C 51 29.01 1.03 18.55
C VAL C 51 27.83 0.25 17.98
N ALA C 52 26.73 0.23 18.72
CA ALA C 52 25.53 -0.57 18.41
C ALA C 52 24.73 0.13 17.30
N SER C 53 24.20 -0.65 16.35
CA SER C 53 23.13 -0.20 15.44
C SER C 53 21.99 -1.21 15.53
N ASN C 54 20.76 -0.72 15.71
CA ASN C 54 19.55 -1.56 15.84
C ASN C 54 18.73 -1.46 14.55
N GLY C 55 18.15 -2.59 14.12
CA GLY C 55 17.05 -2.64 13.14
C GLY C 55 15.90 -3.48 13.68
N LEU C 56 14.91 -3.80 12.83
CA LEU C 56 13.76 -4.67 13.19
C LEU C 56 13.65 -5.90 12.27
N ILE C 57 13.13 -6.97 12.85
CA ILE C 57 12.64 -8.18 12.16
C ILE C 57 11.16 -8.34 12.50
N VAL C 58 10.31 -8.48 11.49
CA VAL C 58 8.84 -8.62 11.70
C VAL C 58 8.36 -9.92 11.05
N ARG C 59 7.76 -10.80 11.87
CA ARG C 59 7.03 -11.99 11.37
C ARG C 59 5.61 -11.53 11.02
N ASP C 60 5.25 -11.69 9.76
CA ASP C 60 3.91 -11.31 9.23
C ASP C 60 3.30 -12.53 8.53
N GLY C 61 2.51 -13.32 9.26
CA GLY C 61 1.95 -14.61 8.78
C GLY C 61 3.07 -15.56 8.41
N GLY C 62 3.20 -15.88 7.11
CA GLY C 62 4.11 -16.92 6.61
C GLY C 62 5.38 -16.36 6.00
N ARG C 63 5.68 -15.08 6.26
CA ARG C 63 6.91 -14.41 5.76
C ARG C 63 7.50 -13.46 6.81
N VAL C 64 8.75 -13.08 6.61
CA VAL C 64 9.51 -12.13 7.49
C VAL C 64 9.83 -10.86 6.68
N LEU C 65 9.70 -9.71 7.35
CA LEU C 65 10.10 -8.35 6.85
C LEU C 65 11.23 -7.83 7.72
N VAL C 66 12.30 -7.33 7.10
CA VAL C 66 13.48 -6.74 7.81
C VAL C 66 13.46 -5.22 7.65
N VAL C 67 13.74 -4.49 8.72
CA VAL C 67 13.98 -3.02 8.63
C VAL C 67 15.46 -2.81 8.94
N ASP C 68 16.21 -2.29 7.95
CA ASP C 68 17.66 -1.95 8.05
C ASP C 68 18.54 -3.21 8.02
N THR C 69 19.73 -3.05 7.45
CA THR C 69 20.81 -4.06 7.50
C THR C 69 21.63 -3.85 8.79
N ALA C 70 22.61 -4.72 9.00
CA ALA C 70 23.71 -4.52 9.96
C ALA C 70 24.77 -3.64 9.29
N TRP C 71 25.83 -3.31 10.03
CA TRP C 71 26.98 -2.50 9.55
C TRP C 71 27.61 -3.16 8.31
N THR C 72 27.63 -4.50 8.23
CA THR C 72 28.39 -5.22 7.18
C THR C 72 27.57 -6.34 6.53
N ASP C 73 28.03 -6.81 5.38
CA ASP C 73 27.45 -7.97 4.65
C ASP C 73 27.50 -9.21 5.55
N ASP C 74 28.66 -9.51 6.16
CA ASP C 74 28.87 -10.67 7.06
C ASP C 74 27.84 -10.63 8.21
N GLN C 75 27.74 -9.50 8.91
CA GLN C 75 26.76 -9.32 10.01
C GLN C 75 25.35 -9.50 9.47
N THR C 76 25.06 -9.03 8.25
CA THR C 76 23.69 -9.10 7.68
C THR C 76 23.35 -10.56 7.32
N ALA C 77 24.31 -11.32 6.81
CA ALA C 77 24.20 -12.79 6.58
C ALA C 77 23.82 -13.49 7.90
N GLN C 78 24.46 -13.11 9.00
CA GLN C 78 24.17 -13.68 10.35
C GLN C 78 22.72 -13.38 10.75
N ILE C 79 22.18 -12.20 10.40
CA ILE C 79 20.75 -11.87 10.69
C ILE C 79 19.88 -12.90 9.95
N LEU C 80 20.19 -13.16 8.69
CA LEU C 80 19.43 -14.12 7.84
C LEU C 80 19.52 -15.54 8.45
N ASN C 81 20.69 -15.91 8.97
CA ASN C 81 20.92 -17.26 9.55
C ASN C 81 20.05 -17.41 10.82
N TRP C 82 20.02 -16.36 11.66
CA TRP C 82 19.24 -16.32 12.91
C TRP C 82 17.75 -16.48 12.58
N ILE C 83 17.26 -15.76 11.58
CA ILE C 83 15.84 -15.80 11.14
C ILE C 83 15.56 -17.24 10.71
N LYS C 84 16.44 -17.81 9.91
CA LYS C 84 16.36 -19.22 9.44
C LYS C 84 16.17 -20.14 10.66
N GLN C 85 17.05 -19.98 11.65
CA GLN C 85 17.10 -20.84 12.85
C GLN C 85 15.87 -20.61 13.72
N GLU C 86 15.57 -19.34 14.11
CA GLU C 86 14.55 -19.05 15.14
C GLU C 86 13.15 -18.97 14.53
N ILE C 87 13.01 -18.50 13.30
CA ILE C 87 11.68 -18.18 12.70
C ILE C 87 11.41 -19.15 11.53
N ASN C 88 12.42 -19.43 10.71
CA ASN C 88 12.32 -20.41 9.60
C ASN C 88 11.09 -20.09 8.76
N LEU C 89 11.02 -18.84 8.28
CA LEU C 89 10.10 -18.37 7.22
C LEU C 89 10.96 -17.59 6.22
N PRO C 90 10.54 -17.46 4.95
CA PRO C 90 11.31 -16.67 3.99
C PRO C 90 11.22 -15.17 4.30
N VAL C 91 12.29 -14.42 4.01
CA VAL C 91 12.33 -12.94 4.09
C VAL C 91 11.80 -12.36 2.77
N ALA C 92 10.57 -11.85 2.77
CA ALA C 92 9.85 -11.34 1.58
C ALA C 92 10.54 -10.05 1.09
N LEU C 93 10.92 -9.17 2.01
CA LEU C 93 11.44 -7.83 1.67
C LEU C 93 12.19 -7.24 2.87
N ALA C 94 13.03 -6.27 2.56
CA ALA C 94 13.72 -5.43 3.55
C ALA C 94 13.50 -3.96 3.14
N VAL C 95 13.29 -3.09 4.13
CA VAL C 95 13.27 -1.62 3.91
C VAL C 95 14.43 -1.02 4.73
N VAL C 96 15.20 -0.12 4.13
CA VAL C 96 16.38 0.54 4.78
C VAL C 96 16.08 2.04 4.90
N THR C 97 16.49 2.65 6.03
CA THR C 97 15.90 3.93 6.53
C THR C 97 16.78 5.13 6.18
N HIS C 98 18.03 4.92 5.72
CA HIS C 98 18.78 5.96 4.97
C HIS C 98 20.12 5.42 4.48
N ALA C 99 20.77 6.21 3.62
CA ALA C 99 22.01 5.85 2.91
C ALA C 99 23.21 6.12 3.82
N HIS C 100 23.31 5.44 4.96
CA HIS C 100 24.54 5.34 5.78
C HIS C 100 24.85 3.85 6.06
N GLN C 101 26.11 3.57 6.39
CA GLN C 101 26.70 2.23 6.62
C GLN C 101 25.86 1.42 7.63
N ASP C 102 25.45 2.00 8.75
CA ASP C 102 24.71 1.26 9.81
C ASP C 102 23.39 0.72 9.26
N LYS C 103 22.79 1.35 8.25
CA LYS C 103 21.43 1.03 7.77
C LYS C 103 21.50 0.28 6.44
N MET C 104 22.56 0.52 5.65
CA MET C 104 22.64 0.02 4.25
C MET C 104 23.96 -0.72 4.01
N GLY C 105 24.84 -0.89 5.01
CA GLY C 105 26.11 -1.62 4.89
C GLY C 105 25.98 -3.05 4.36
N GLY C 106 24.80 -3.68 4.51
CA GLY C 106 24.61 -5.12 4.23
C GLY C 106 23.72 -5.40 3.03
N MET C 107 23.57 -4.46 2.11
CA MET C 107 22.63 -4.60 0.96
C MET C 107 23.05 -5.80 0.08
N ASP C 108 24.36 -5.98 -0.21
CA ASP C 108 24.85 -7.12 -1.05
C ASP C 108 24.42 -8.46 -0.44
N ALA C 109 24.43 -8.58 0.89
CA ALA C 109 24.05 -9.84 1.59
C ALA C 109 22.55 -10.14 1.39
N LEU C 110 21.70 -9.11 1.39
CA LEU C 110 20.24 -9.29 1.17
C LEU C 110 20.00 -9.66 -0.30
N HIS C 111 20.74 -9.02 -1.20
CA HIS C 111 20.63 -9.27 -2.66
C HIS C 111 21.07 -10.71 -2.96
N ALA C 112 22.25 -11.12 -2.48
CA ALA C 112 22.79 -12.47 -2.65
C ALA C 112 21.73 -13.50 -2.25
N ALA C 113 20.92 -13.18 -1.24
CA ALA C 113 19.86 -14.06 -0.70
C ALA C 113 18.56 -13.92 -1.52
N GLY C 114 18.56 -13.14 -2.58
CA GLY C 114 17.36 -12.86 -3.40
C GLY C 114 16.25 -12.19 -2.60
N ILE C 115 16.59 -11.27 -1.68
CA ILE C 115 15.60 -10.49 -0.88
C ILE C 115 15.32 -9.17 -1.60
N ALA C 116 14.04 -8.86 -1.88
CA ALA C 116 13.63 -7.59 -2.51
C ALA C 116 13.88 -6.43 -1.51
N THR C 117 14.64 -5.41 -1.93
CA THR C 117 14.99 -4.27 -1.06
C THR C 117 14.29 -2.99 -1.52
N TYR C 118 13.85 -2.19 -0.56
CA TYR C 118 13.13 -0.90 -0.71
C TYR C 118 13.86 0.16 0.10
N ALA C 119 13.96 1.35 -0.48
CA ALA C 119 14.52 2.54 0.17
C ALA C 119 13.80 3.75 -0.43
N ASN C 120 13.78 4.85 0.32
CA ASN C 120 13.45 6.19 -0.20
C ASN C 120 14.19 6.39 -1.53
N ALA C 121 13.49 6.81 -2.58
CA ALA C 121 14.09 7.13 -3.89
C ALA C 121 15.36 7.96 -3.67
N LEU C 122 15.31 8.95 -2.78
CA LEU C 122 16.46 9.86 -2.50
C LEU C 122 17.62 9.08 -1.86
N SER C 123 17.35 8.06 -1.02
CA SER C 123 18.37 7.13 -0.46
C SER C 123 19.09 6.44 -1.61
N ASN C 124 18.32 5.87 -2.53
CA ASN C 124 18.86 5.16 -3.71
C ASN C 124 19.72 6.14 -4.53
N GLN C 125 19.28 7.40 -4.62
CA GLN C 125 19.96 8.43 -5.44
C GLN C 125 21.26 8.86 -4.76
N LEU C 126 21.26 8.97 -3.44
CA LEU C 126 22.44 9.41 -2.63
C LEU C 126 23.41 8.24 -2.43
N ALA C 127 22.95 7.00 -2.56
CA ALA C 127 23.68 5.77 -2.16
C ALA C 127 25.12 5.79 -2.70
N PRO C 128 25.36 5.93 -4.03
CA PRO C 128 26.73 5.96 -4.56
C PRO C 128 27.67 6.95 -3.88
N GLN C 129 27.24 8.19 -3.70
CA GLN C 129 28.07 9.22 -3.02
C GLN C 129 28.36 8.81 -1.59
N GLU C 130 27.45 8.09 -0.94
CA GLU C 130 27.57 7.70 0.49
C GLU C 130 28.35 6.37 0.61
N GLY C 131 28.69 5.75 -0.52
CA GLY C 131 29.47 4.50 -0.55
C GLY C 131 28.58 3.30 -0.33
N MET C 132 27.28 3.42 -0.60
CA MET C 132 26.30 2.34 -0.33
C MET C 132 25.83 1.77 -1.66
N VAL C 133 25.40 0.50 -1.63
CA VAL C 133 24.66 -0.15 -2.74
C VAL C 133 23.21 0.27 -2.61
N ALA C 134 22.58 0.72 -3.70
CA ALA C 134 21.18 1.15 -3.74
C ALA C 134 20.25 -0.05 -3.55
N ALA C 135 19.08 0.18 -2.96
CA ALA C 135 18.00 -0.83 -2.90
C ALA C 135 17.49 -1.10 -4.32
N GLN C 136 16.83 -2.23 -4.54
CA GLN C 136 16.26 -2.63 -5.85
C GLN C 136 15.07 -1.73 -6.20
N HIS C 137 14.27 -1.34 -5.22
CA HIS C 137 13.05 -0.52 -5.41
C HIS C 137 13.13 0.82 -4.66
N SER C 138 12.45 1.85 -5.21
CA SER C 138 12.36 3.23 -4.67
C SER C 138 10.96 3.48 -4.09
N LEU C 139 10.91 3.96 -2.85
CA LEU C 139 9.69 4.46 -2.20
C LEU C 139 9.54 5.95 -2.52
N THR C 140 8.33 6.39 -2.82
CA THR C 140 7.98 7.83 -2.95
C THR C 140 6.92 8.15 -1.89
N PHE C 141 6.77 9.42 -1.55
CA PHE C 141 5.94 9.91 -0.43
C PHE C 141 5.03 11.04 -0.94
N ALA C 142 3.82 11.10 -0.41
CA ALA C 142 2.90 12.25 -0.49
C ALA C 142 3.47 13.43 0.30
N ALA C 143 2.89 14.61 0.10
CA ALA C 143 3.33 15.88 0.74
C ALA C 143 3.16 15.78 2.26
N ASN C 144 2.24 14.91 2.74
CA ASN C 144 1.95 14.70 4.19
C ASN C 144 2.97 13.72 4.80
N GLY C 145 3.85 13.11 4.00
CA GLY C 145 4.93 12.24 4.48
C GLY C 145 4.67 10.75 4.37
N TRP C 146 3.42 10.35 4.13
CA TRP C 146 3.02 8.93 4.05
C TRP C 146 3.45 8.34 2.70
N VAL C 147 3.94 7.11 2.72
CA VAL C 147 4.46 6.41 1.51
C VAL C 147 3.31 6.21 0.54
N GLU C 148 3.59 6.40 -0.75
CA GLU C 148 2.68 6.06 -1.86
C GLU C 148 2.55 4.55 -1.87
N PRO C 149 1.34 4.00 -1.57
CA PRO C 149 1.17 2.55 -1.40
C PRO C 149 1.63 1.71 -2.61
N ALA C 150 1.53 2.25 -3.83
CA ALA C 150 1.92 1.59 -5.08
C ALA C 150 3.44 1.28 -5.10
N THR C 151 4.25 2.09 -4.40
CA THR C 151 5.74 1.93 -4.31
C THR C 151 6.10 0.96 -3.18
N ALA C 152 5.15 0.62 -2.30
CA ALA C 152 5.36 -0.28 -1.13
C ALA C 152 4.32 -1.40 -1.13
N PRO C 153 4.29 -2.26 -2.18
CA PRO C 153 3.28 -3.30 -2.27
C PRO C 153 3.52 -4.43 -1.24
N ASN C 154 2.45 -4.96 -0.66
CA ASN C 154 2.48 -6.11 0.28
C ASN C 154 3.45 -5.79 1.44
N PHE C 155 3.35 -4.61 2.07
CA PHE C 155 4.19 -4.26 3.25
C PHE C 155 3.54 -4.74 4.54
N GLY C 156 2.36 -5.37 4.45
CA GLY C 156 1.64 -5.88 5.63
C GLY C 156 1.55 -4.83 6.73
N PRO C 157 2.06 -5.10 7.96
CA PRO C 157 1.91 -4.15 9.07
C PRO C 157 2.90 -2.98 9.03
N LEU C 158 3.83 -2.95 8.05
CA LEU C 158 4.82 -1.85 7.95
C LEU C 158 4.12 -0.59 7.40
N LYS C 159 4.04 0.44 8.24
CA LYS C 159 3.53 1.79 7.88
C LYS C 159 4.75 2.69 7.72
N VAL C 160 5.14 2.98 6.48
CA VAL C 160 6.36 3.77 6.18
C VAL C 160 6.01 5.25 6.06
N PHE C 161 6.74 6.09 6.79
CA PHE C 161 6.50 7.55 6.91
C PHE C 161 7.83 8.27 6.74
N TYR C 162 7.86 9.21 5.78
CA TYR C 162 8.97 10.17 5.60
C TYR C 162 8.60 11.41 6.40
N PRO C 163 9.30 11.71 7.53
CA PRO C 163 8.93 12.83 8.40
C PRO C 163 9.50 14.18 7.95
N GLY C 164 10.30 14.18 6.89
CA GLY C 164 11.05 15.37 6.46
C GLY C 164 12.51 15.24 6.87
N PRO C 165 13.36 16.17 6.39
CA PRO C 165 14.80 16.11 6.65
C PRO C 165 15.13 16.30 8.14
N GLY C 166 16.13 15.56 8.62
CA GLY C 166 16.62 15.67 10.00
C GLY C 166 18.04 15.15 10.10
N HIS C 167 18.20 13.91 10.57
CA HIS C 167 19.51 13.21 10.61
C HIS C 167 20.13 13.25 9.22
N THR C 168 19.33 12.96 8.22
CA THR C 168 19.65 13.13 6.79
C THR C 168 18.42 13.71 6.10
N SER C 169 18.60 14.09 4.84
CA SER C 169 17.51 14.53 3.94
C SER C 169 16.60 13.35 3.60
N ASP C 170 17.13 12.12 3.62
CA ASP C 170 16.46 10.91 3.11
C ASP C 170 15.91 10.04 4.26
N ASN C 171 16.17 10.39 5.53
CA ASN C 171 15.77 9.51 6.68
C ASN C 171 14.27 9.18 6.61
N ILE C 172 13.93 7.90 6.73
CA ILE C 172 12.52 7.42 6.81
C ILE C 172 12.30 6.65 8.11
N THR C 173 11.04 6.38 8.42
CA THR C 173 10.59 5.79 9.70
C THR C 173 9.51 4.75 9.39
N VAL C 174 9.29 3.85 10.33
CA VAL C 174 8.39 2.67 10.17
C VAL C 174 7.61 2.45 11.46
N GLY C 175 6.29 2.45 11.39
CA GLY C 175 5.42 1.95 12.47
C GLY C 175 4.99 0.53 12.17
N ILE C 176 4.85 -0.31 13.21
CA ILE C 176 4.30 -1.70 13.07
C ILE C 176 2.82 -1.65 13.49
N ASP C 177 1.93 -1.73 12.53
CA ASP C 177 0.46 -1.74 12.75
C ASP C 177 0.12 -2.92 13.68
N GLY C 178 -0.75 -2.69 14.67
CA GLY C 178 -1.21 -3.70 15.64
C GLY C 178 -0.19 -3.96 16.73
N THR C 179 0.78 -3.07 16.91
CA THR C 179 1.76 -3.09 18.03
C THR C 179 1.87 -1.69 18.64
N ASP C 180 2.68 -1.56 19.67
CA ASP C 180 2.97 -0.27 20.35
C ASP C 180 4.30 0.27 19.79
N ILE C 181 4.76 -0.26 18.67
CA ILE C 181 6.17 -0.03 18.22
C ILE C 181 6.17 0.91 17.01
N ALA C 182 6.96 1.97 17.12
CA ALA C 182 7.38 2.79 15.96
C ALA C 182 8.91 2.91 16.01
N PHE C 183 9.52 2.84 14.83
CA PHE C 183 10.98 2.85 14.62
C PHE C 183 11.37 4.21 14.03
N GLY C 184 12.12 5.01 14.79
CA GLY C 184 12.63 6.34 14.39
C GLY C 184 13.94 6.25 13.62
N GLY C 185 14.59 5.10 13.62
CA GLY C 185 15.94 4.95 13.05
C GLY C 185 16.91 5.94 13.70
N CYS C 186 17.74 6.61 12.92
CA CYS C 186 18.82 7.51 13.43
C CYS C 186 18.26 8.93 13.68
N LEU C 187 17.03 9.20 13.25
CA LEU C 187 16.36 10.52 13.47
C LEU C 187 16.17 10.76 14.96
N ILE C 188 15.75 9.75 15.71
CA ILE C 188 15.35 9.88 17.15
C ILE C 188 16.53 9.47 18.04
N LYS C 189 16.81 10.26 19.07
CA LYS C 189 17.79 9.94 20.15
C LYS C 189 17.01 9.60 21.41
N ASP C 190 17.64 8.93 22.37
CA ASP C 190 16.96 8.51 23.62
C ASP C 190 16.69 9.75 24.49
N SER C 191 15.67 9.65 25.34
CA SER C 191 15.19 10.73 26.25
C SER C 191 16.29 11.23 27.19
N LYS C 192 17.37 10.46 27.41
CA LYS C 192 18.50 10.84 28.29
C LYS C 192 19.70 11.32 27.47
N ALA C 193 19.57 11.52 26.16
CA ALA C 193 20.73 11.88 25.29
C ALA C 193 21.19 13.30 25.62
N LYS C 194 22.50 13.53 25.63
CA LYS C 194 23.14 14.81 26.06
C LYS C 194 23.10 15.83 24.90
N SER C 195 23.07 15.34 23.65
CA SER C 195 23.08 16.12 22.39
C SER C 195 22.53 15.26 21.23
N LEU C 196 22.48 15.80 20.01
CA LEU C 196 22.07 15.06 18.79
C LEU C 196 23.28 14.38 18.15
N GLY C 197 24.44 14.50 18.79
CA GLY C 197 25.72 13.92 18.34
C GLY C 197 26.20 14.61 17.08
N ASN C 198 26.86 13.86 16.20
CA ASN C 198 27.47 14.40 14.96
C ASN C 198 26.34 14.77 13.98
N LEU C 199 26.38 15.99 13.45
CA LEU C 199 25.33 16.56 12.58
C LEU C 199 25.79 16.62 11.12
N GLY C 200 26.66 15.70 10.71
CA GLY C 200 27.39 15.72 9.43
C GLY C 200 26.50 15.83 8.20
N ASP C 201 25.48 15.00 8.05
CA ASP C 201 24.58 15.13 6.88
C ASP C 201 23.26 15.79 7.29
N ALA C 202 23.23 16.56 8.38
CA ALA C 202 21.96 16.91 9.07
C ALA C 202 21.33 18.18 8.53
N ASP C 203 19.99 18.22 8.47
CA ASP C 203 19.20 19.43 8.18
C ASP C 203 18.86 20.05 9.53
N THR C 204 19.71 20.92 10.06
CA THR C 204 19.53 21.52 11.41
C THR C 204 18.29 22.42 11.44
N GLU C 205 17.89 23.00 10.31
CA GLU C 205 16.70 23.88 10.26
C GLU C 205 15.40 23.08 10.43
N HIS C 206 15.25 21.94 9.73
CA HIS C 206 13.95 21.20 9.64
C HIS C 206 13.88 20.04 10.64
N TYR C 207 14.99 19.76 11.35
CA TYR C 207 15.16 18.57 12.22
C TYR C 207 13.99 18.49 13.21
N ALA C 208 13.80 19.56 13.99
CA ALA C 208 12.82 19.62 15.10
C ALA C 208 11.43 19.25 14.57
N ALA C 209 11.02 19.84 13.44
CA ALA C 209 9.67 19.59 12.85
C ALA C 209 9.60 18.14 12.36
N SER C 210 10.70 17.60 11.87
CA SER C 210 10.74 16.20 11.35
C SER C 210 10.54 15.24 12.53
N ALA C 211 11.22 15.49 13.66
CA ALA C 211 11.05 14.72 14.91
C ALA C 211 9.58 14.73 15.32
N ARG C 212 8.93 15.89 15.29
CA ARG C 212 7.55 16.05 15.77
C ARG C 212 6.60 15.35 14.79
N ALA C 213 6.86 15.44 13.48
CA ALA C 213 6.04 14.79 12.43
C ALA C 213 6.01 13.27 12.67
N PHE C 214 7.15 12.69 13.06
CA PHE C 214 7.27 11.24 13.39
C PHE C 214 6.29 10.90 14.52
N GLY C 215 6.36 11.69 15.61
CA GLY C 215 5.41 11.63 16.74
C GLY C 215 3.96 11.61 16.28
N ALA C 216 3.54 12.59 15.48
CA ALA C 216 2.13 12.76 15.06
C ALA C 216 1.70 11.64 14.10
N ALA C 217 2.64 11.07 13.35
CA ALA C 217 2.37 9.98 12.36
C ALA C 217 1.97 8.70 13.10
N PHE C 218 2.57 8.43 14.27
CA PHE C 218 2.33 7.20 15.07
C PHE C 218 1.93 7.59 16.50
N PRO C 219 0.74 8.20 16.68
CA PRO C 219 0.36 8.74 17.99
C PRO C 219 0.17 7.65 19.08
N LYS C 220 -0.14 6.41 18.69
CA LYS C 220 -0.44 5.30 19.63
C LYS C 220 0.82 4.49 19.93
N ALA C 221 1.96 4.82 19.33
CA ALA C 221 3.23 4.10 19.60
C ALA C 221 3.75 4.53 20.96
N SER C 222 3.83 3.60 21.92
CA SER C 222 4.38 3.88 23.27
C SER C 222 5.84 3.42 23.34
N MET C 223 6.26 2.50 22.46
CA MET C 223 7.64 1.99 22.42
C MET C 223 8.34 2.54 21.17
N ILE C 224 9.36 3.34 21.39
CA ILE C 224 10.10 4.05 20.32
C ILE C 224 11.46 3.38 20.21
N VAL C 225 11.63 2.61 19.14
CA VAL C 225 12.90 1.88 18.80
C VAL C 225 13.74 2.85 17.95
N MET C 226 15.03 2.90 18.20
CA MET C 226 15.96 3.79 17.46
CA MET C 226 15.96 3.79 17.46
C MET C 226 17.31 3.09 17.26
N SER C 227 18.15 3.63 16.38
CA SER C 227 19.37 2.96 15.87
C SER C 227 20.40 2.76 17.00
N HIS C 228 20.60 3.75 17.87
CA HIS C 228 21.82 3.79 18.73
C HIS C 228 21.46 3.87 20.21
N SER C 229 20.23 3.50 20.59
CA SER C 229 19.80 3.42 22.01
C SER C 229 18.81 2.28 22.14
N ALA C 230 18.60 1.79 23.37
CA ALA C 230 17.59 0.76 23.67
C ALA C 230 16.22 1.38 23.44
N PRO C 231 15.18 0.56 23.19
CA PRO C 231 13.82 1.08 23.08
C PRO C 231 13.47 2.00 24.25
N ASP C 232 12.70 3.05 23.96
CA ASP C 232 12.42 4.17 24.89
C ASP C 232 10.94 4.53 24.79
N SER C 233 10.50 5.48 25.62
CA SER C 233 9.13 6.05 25.59
C SER C 233 9.11 7.20 24.58
N ARG C 234 7.91 7.73 24.32
CA ARG C 234 7.69 8.92 23.48
C ARG C 234 8.52 10.12 23.98
N ALA C 235 9.06 10.08 25.19
CA ALA C 235 9.95 11.14 25.73
C ALA C 235 11.17 11.32 24.83
N ALA C 236 11.54 10.28 24.06
CA ALA C 236 12.67 10.30 23.08
C ALA C 236 12.35 11.27 21.93
N ILE C 237 11.10 11.26 21.47
CA ILE C 237 10.60 12.14 20.40
C ILE C 237 10.64 13.60 20.89
N THR C 238 10.01 13.91 22.03
CA THR C 238 9.92 15.29 22.56
C THR C 238 11.33 15.80 22.90
N HIS C 239 12.17 15.00 23.57
CA HIS C 239 13.56 15.39 23.88
C HIS C 239 14.33 15.69 22.58
N THR C 240 14.17 14.85 21.56
CA THR C 240 14.95 14.96 20.31
C THR C 240 14.53 16.28 19.66
N ALA C 241 13.24 16.53 19.58
CA ALA C 241 12.66 17.74 18.97
C ALA C 241 13.13 18.98 19.75
N ARG C 242 13.23 18.90 21.07
CA ARG C 242 13.60 20.07 21.91
C ARG C 242 15.10 20.34 21.76
N MET C 243 15.93 19.32 21.61
CA MET C 243 17.37 19.51 21.29
C MET C 243 17.49 20.17 19.92
N ALA C 244 16.69 19.71 18.94
CA ALA C 244 16.71 20.22 17.55
C ALA C 244 16.25 21.68 17.51
N ASP C 245 15.32 22.05 18.39
CA ASP C 245 14.83 23.45 18.53
C ASP C 245 16.01 24.40 18.73
N LYS C 246 17.03 23.99 19.51
CA LYS C 246 18.21 24.81 19.88
C LYS C 246 19.19 24.92 18.70
N LEU C 247 18.92 24.27 17.56
CA LEU C 247 19.79 24.29 16.35
C LEU C 247 19.33 25.42 15.42
N ARG C 248 18.02 25.65 15.32
CA ARG C 248 17.45 26.85 14.64
C ARG C 248 17.65 28.05 15.57
N DAR D 1 34.99 8.01 8.75
CA DAR D 1 34.62 6.90 7.87
CB DAR D 1 35.27 7.04 6.49
C DAR D 1 33.09 6.77 7.77
O DAR D 1 32.64 5.71 7.35
N DAR D 2 32.30 7.77 8.21
CA DAR D 2 30.85 7.75 8.05
CB DAR D 2 30.22 9.05 8.53
CG DAR D 2 28.77 9.20 8.05
CD DAR D 2 28.10 10.50 8.34
NE DAR D 2 28.22 10.74 9.78
CZ DAR D 2 27.39 11.48 10.50
NH1 DAR D 2 26.42 12.17 9.92
NH2 DAR D 2 27.53 11.48 11.81
C DAR D 2 30.19 6.59 8.80
O DAR D 2 29.13 6.08 8.37
N LEU D 3 30.76 6.22 9.95
CA LEU D 3 30.23 5.11 10.73
C LEU D 3 29.09 5.60 11.61
N DCY D 4 27.97 5.93 10.96
CA DCY D 4 26.76 6.32 11.64
C DCY D 4 27.00 7.52 12.54
O DCY D 4 27.34 8.59 12.04
CB DCY D 4 25.71 6.73 10.62
SG DCY D 4 24.15 7.23 11.38
N PRO D 5 26.84 7.39 13.88
CA PRO D 5 27.00 8.52 14.80
C PRO D 5 28.44 9.05 14.88
N ILE D 6 29.41 8.19 14.61
CA ILE D 6 30.85 8.54 14.57
C ILE D 6 31.17 9.13 13.19
N PRO D 7 31.71 10.37 13.12
CA PRO D 7 31.98 11.01 11.82
C PRO D 7 33.09 10.38 10.96
N GLU D 8 34.10 9.77 11.60
CA GLU D 8 35.27 9.11 10.94
C GLU D 8 34.79 7.94 10.07
N GLY E 20 15.78 45.00 -25.46
CA GLY E 20 14.99 43.73 -25.63
C GLY E 20 14.09 43.43 -24.43
N ASP E 21 14.48 43.92 -23.23
CA ASP E 21 13.70 43.77 -21.97
C ASP E 21 12.42 44.61 -22.05
N GLN E 22 11.33 44.07 -21.51
CA GLN E 22 9.99 44.67 -21.52
C GLN E 22 9.49 44.78 -20.08
N ARG E 23 9.07 45.96 -19.65
CA ARG E 23 8.63 46.23 -18.26
C ARG E 23 7.10 46.15 -18.19
N PHE E 24 6.58 45.67 -17.07
CA PHE E 24 5.14 45.57 -16.77
C PHE E 24 4.97 45.64 -15.25
N GLY E 25 4.44 46.75 -14.74
CA GLY E 25 4.50 47.09 -13.30
C GLY E 25 5.93 47.00 -12.81
N ASP E 26 6.18 46.17 -11.80
CA ASP E 26 7.50 46.02 -11.13
C ASP E 26 8.27 44.84 -11.75
N LEU E 27 7.81 44.30 -12.87
CA LEU E 27 8.41 43.08 -13.49
C LEU E 27 9.05 43.40 -14.83
N VAL E 28 10.03 42.59 -15.20
CA VAL E 28 10.74 42.62 -16.50
C VAL E 28 10.57 41.25 -17.18
N PHE E 29 10.39 41.25 -18.49
CA PHE E 29 10.30 40.05 -19.34
C PHE E 29 11.34 40.17 -20.45
N ARG E 30 12.06 39.08 -20.70
CA ARG E 30 13.00 38.92 -21.84
C ARG E 30 12.59 37.67 -22.63
N GLN E 31 12.42 37.78 -23.95
CA GLN E 31 12.16 36.59 -24.81
C GLN E 31 13.50 35.88 -25.01
N LEU E 32 13.56 34.58 -24.73
CA LEU E 32 14.81 33.78 -24.87
C LEU E 32 14.71 32.89 -26.11
N ALA E 33 13.50 32.53 -26.51
CA ALA E 33 13.23 31.65 -27.66
C ALA E 33 11.87 32.02 -28.23
N PRO E 34 11.51 31.50 -29.42
CA PRO E 34 10.19 31.78 -30.00
C PRO E 34 9.04 31.65 -28.98
N ASN E 35 9.07 30.61 -28.13
CA ASN E 35 7.96 30.30 -27.20
C ASN E 35 8.43 30.31 -25.75
N VAL E 36 9.52 31.01 -25.43
CA VAL E 36 10.08 31.02 -24.05
C VAL E 36 10.47 32.44 -23.66
N TRP E 37 10.00 32.90 -22.50
CA TRP E 37 10.38 34.19 -21.87
C TRP E 37 10.88 33.95 -20.45
N GLN E 38 11.83 34.76 -20.02
CA GLN E 38 12.28 34.83 -18.63
C GLN E 38 11.49 35.94 -17.94
N HIS E 39 10.84 35.65 -16.81
CA HIS E 39 10.24 36.70 -15.97
C HIS E 39 11.20 37.03 -14.84
N THR E 40 11.31 38.32 -14.49
CA THR E 40 12.16 38.77 -13.37
C THR E 40 11.35 39.65 -12.42
N SER E 41 11.42 39.35 -11.12
CA SER E 41 10.80 40.16 -10.05
C SER E 41 11.89 40.56 -9.06
N TYR E 42 11.65 41.62 -8.29
CA TYR E 42 12.66 42.23 -7.41
C TYR E 42 12.07 42.34 -6.00
N LEU E 43 12.92 42.19 -5.00
CA LEU E 43 12.52 42.46 -3.61
C LEU E 43 13.50 43.43 -2.97
N ASP E 44 13.12 44.71 -2.95
CA ASP E 44 13.88 45.82 -2.31
C ASP E 44 13.79 45.58 -0.80
N MET E 45 14.94 45.34 -0.16
CA MET E 45 15.05 45.07 1.29
C MET E 45 15.86 46.21 1.89
N PRO E 46 15.45 46.82 3.04
CA PRO E 46 16.18 47.96 3.60
C PRO E 46 17.66 47.63 3.81
N GLY E 47 18.55 48.49 3.30
CA GLY E 47 20.01 48.28 3.25
C GLY E 47 20.43 47.39 2.09
N PHE E 48 19.86 46.18 1.99
CA PHE E 48 20.29 45.12 1.04
C PHE E 48 20.02 45.55 -0.41
N GLY E 49 18.93 46.28 -0.67
CA GLY E 49 18.55 46.76 -2.01
C GLY E 49 17.77 45.71 -2.80
N ALA E 50 17.53 45.97 -4.09
CA ALA E 50 16.69 45.12 -4.99
C ALA E 50 17.39 43.79 -5.28
N VAL E 51 16.69 42.66 -5.16
CA VAL E 51 17.22 41.27 -5.37
C VAL E 51 16.40 40.63 -6.49
N ALA E 52 17.01 40.36 -7.64
CA ALA E 52 16.32 39.79 -8.83
C ALA E 52 16.08 38.29 -8.64
N SER E 53 14.90 37.80 -8.98
CA SER E 53 14.60 36.35 -9.12
C SER E 53 13.99 36.14 -10.48
N ASN E 54 14.49 35.14 -11.22
CA ASN E 54 14.03 34.80 -12.59
C ASN E 54 13.21 33.51 -12.55
N GLY E 55 12.13 33.46 -13.33
CA GLY E 55 11.43 32.22 -13.69
C GLY E 55 11.23 32.16 -15.18
N LEU E 56 10.43 31.19 -15.66
CA LEU E 56 10.12 31.03 -17.09
C LEU E 56 8.62 31.05 -17.35
N ILE E 57 8.29 31.49 -18.57
CA ILE E 57 6.97 31.40 -19.22
C ILE E 57 7.19 30.62 -20.51
N VAL E 58 6.39 29.58 -20.73
CA VAL E 58 6.49 28.72 -21.94
C VAL E 58 5.15 28.71 -22.66
N ARG E 59 5.14 29.12 -23.93
CA ARG E 59 3.97 28.93 -24.83
C ARG E 59 4.07 27.52 -25.43
N ASP E 60 3.03 26.72 -25.21
CA ASP E 60 2.92 25.33 -25.73
C ASP E 60 1.58 25.19 -26.46
N GLY E 61 1.59 25.44 -27.78
CA GLY E 61 0.37 25.51 -28.60
C GLY E 61 -0.62 26.55 -28.07
N GLY E 62 -1.78 26.10 -27.58
CA GLY E 62 -2.90 26.97 -27.19
C GLY E 62 -2.95 27.26 -25.69
N ARG E 63 -1.88 26.93 -24.95
CA ARG E 63 -1.79 27.20 -23.49
C ARG E 63 -0.38 27.67 -23.11
N VAL E 64 -0.28 28.28 -21.93
CA VAL E 64 0.99 28.77 -21.34
C VAL E 64 1.29 27.96 -20.07
N LEU E 65 2.58 27.63 -19.88
CA LEU E 65 3.13 26.97 -18.66
C LEU E 65 4.10 27.94 -17.97
N VAL E 66 3.97 28.11 -16.66
CA VAL E 66 4.85 29.02 -15.85
C VAL E 66 5.79 28.16 -15.02
N VAL E 67 7.06 28.55 -14.95
CA VAL E 67 8.04 27.95 -14.00
C VAL E 67 8.34 29.02 -12.96
N ASP E 68 7.98 28.74 -11.69
CA ASP E 68 8.25 29.59 -10.51
C ASP E 68 7.30 30.80 -10.49
N THR E 69 6.94 31.23 -9.27
CA THR E 69 6.22 32.50 -9.03
C THR E 69 7.25 33.62 -8.90
N ALA E 70 6.78 34.84 -8.70
CA ALA E 70 7.57 35.99 -8.25
C ALA E 70 7.67 35.93 -6.72
N TRP E 71 8.38 36.86 -6.12
CA TRP E 71 8.54 37.01 -4.64
C TRP E 71 7.19 37.13 -3.94
N THR E 72 6.18 37.74 -4.57
CA THR E 72 4.90 38.07 -3.90
C THR E 72 3.71 37.72 -4.77
N ASP E 73 2.53 37.66 -4.16
CA ASP E 73 1.23 37.47 -4.84
C ASP E 73 1.00 38.61 -5.85
N ASP E 74 1.16 39.86 -5.43
CA ASP E 74 1.00 41.06 -6.31
C ASP E 74 1.90 40.95 -7.54
N GLN E 75 3.19 40.69 -7.34
CA GLN E 75 4.16 40.51 -8.47
C GLN E 75 3.69 39.35 -9.34
N THR E 76 3.16 38.27 -8.75
CA THR E 76 2.75 37.06 -9.52
C THR E 76 1.49 37.38 -10.35
N ALA E 77 0.55 38.16 -9.80
CA ALA E 77 -0.63 38.71 -10.52
C ALA E 77 -0.16 39.46 -11.76
N GLN E 78 0.87 40.31 -11.63
CA GLN E 78 1.46 41.09 -12.74
C GLN E 78 2.01 40.15 -13.82
N ILE E 79 2.62 39.01 -13.46
CA ILE E 79 3.09 38.01 -14.47
C ILE E 79 1.89 37.54 -15.26
N LEU E 80 0.79 37.19 -14.58
CA LEU E 80 -0.44 36.67 -15.23
C LEU E 80 -1.02 37.74 -16.17
N ASN E 81 -0.97 39.02 -15.75
CA ASN E 81 -1.57 40.12 -16.55
C ASN E 81 -0.74 40.32 -17.79
N TRP E 82 0.59 40.29 -17.67
CA TRP E 82 1.53 40.43 -18.81
C TRP E 82 1.27 39.32 -19.84
N ILE E 83 1.12 38.08 -19.38
CA ILE E 83 0.87 36.92 -20.27
C ILE E 83 -0.45 37.18 -21.01
N LYS E 84 -1.46 37.58 -20.26
CA LYS E 84 -2.81 37.94 -20.79
C LYS E 84 -2.63 38.97 -21.91
N GLN E 85 -1.88 40.02 -21.64
CA GLN E 85 -1.67 41.15 -22.59
C GLN E 85 -0.82 40.72 -23.78
N GLU E 86 0.37 40.13 -23.56
CA GLU E 86 1.36 39.90 -24.65
C GLU E 86 1.13 38.56 -25.38
N ILE E 87 0.62 37.55 -24.70
CA ILE E 87 0.47 36.17 -25.28
C ILE E 87 -1.01 35.82 -25.41
N ASN E 88 -1.85 36.23 -24.45
CA ASN E 88 -3.32 36.06 -24.51
C ASN E 88 -3.64 34.60 -24.80
N LEU E 89 -3.07 33.70 -24.00
CA LEU E 89 -3.48 32.27 -23.89
C LEU E 89 -3.68 31.95 -22.42
N PRO E 90 -4.53 30.97 -22.07
CA PRO E 90 -4.71 30.61 -20.66
C PRO E 90 -3.47 29.89 -20.13
N VAL E 91 -3.23 30.06 -18.83
CA VAL E 91 -2.11 29.37 -18.11
C VAL E 91 -2.64 28.02 -17.60
N ALA E 92 -2.24 26.92 -18.24
CA ALA E 92 -2.67 25.53 -17.90
C ALA E 92 -2.16 25.14 -16.51
N LEU E 93 -0.89 25.42 -16.22
CA LEU E 93 -0.19 24.94 -15.01
C LEU E 93 1.02 25.79 -14.70
N ALA E 94 1.47 25.73 -13.47
CA ALA E 94 2.75 26.26 -13.01
C ALA E 94 3.50 25.16 -12.24
N VAL E 95 4.81 25.12 -12.41
CA VAL E 95 5.70 24.26 -11.60
C VAL E 95 6.65 25.19 -10.84
N VAL E 96 6.84 24.94 -9.54
CA VAL E 96 7.74 25.75 -8.67
C VAL E 96 8.89 24.86 -8.19
N THR E 97 10.10 25.42 -8.11
CA THR E 97 11.37 24.65 -8.12
C THR E 97 11.96 24.47 -6.72
N HIS E 98 11.43 25.19 -5.71
CA HIS E 98 11.63 24.82 -4.28
C HIS E 98 10.88 25.76 -3.35
N ALA E 99 10.81 25.39 -2.07
CA ALA E 99 10.01 26.06 -1.03
C ALA E 99 10.77 27.24 -0.44
N HIS E 100 11.15 28.20 -1.28
CA HIS E 100 11.62 29.54 -0.85
C HIS E 100 10.72 30.62 -1.47
N GLN E 101 10.72 31.80 -0.85
CA GLN E 101 9.88 32.97 -1.23
C GLN E 101 10.03 33.32 -2.72
N ASP E 102 11.25 33.32 -3.24
CA ASP E 102 11.55 33.73 -4.63
C ASP E 102 10.81 32.82 -5.63
N LYS E 103 10.57 31.56 -5.26
CA LYS E 103 10.03 30.53 -6.18
C LYS E 103 8.55 30.24 -5.86
N MET E 104 8.13 30.40 -4.60
CA MET E 104 6.77 29.99 -4.16
C MET E 104 6.02 31.12 -3.45
N GLY E 105 6.57 32.33 -3.35
CA GLY E 105 5.92 33.50 -2.70
C GLY E 105 4.53 33.83 -3.27
N GLY E 106 4.22 33.45 -4.51
CA GLY E 106 3.02 33.88 -5.25
C GLY E 106 1.99 32.79 -5.47
N MET E 107 2.00 31.73 -4.67
CA MET E 107 1.11 30.56 -4.88
C MET E 107 -0.37 30.96 -4.74
N ASP E 108 -0.73 31.80 -3.77
CA ASP E 108 -2.14 32.28 -3.60
C ASP E 108 -2.65 32.97 -4.89
N ALA E 109 -1.80 33.75 -5.55
CA ALA E 109 -2.16 34.46 -6.81
C ALA E 109 -2.45 33.46 -7.93
N LEU E 110 -1.69 32.36 -8.03
CA LEU E 110 -1.89 31.31 -9.06
C LEU E 110 -3.19 30.57 -8.76
N HIS E 111 -3.44 30.30 -7.48
CA HIS E 111 -4.65 29.58 -7.00
C HIS E 111 -5.88 30.45 -7.28
N ALA E 112 -5.86 31.71 -6.86
CA ALA E 112 -6.95 32.68 -7.11
C ALA E 112 -7.32 32.68 -8.60
N ALA E 113 -6.35 32.48 -9.48
CA ALA E 113 -6.53 32.48 -10.95
C ALA E 113 -6.98 31.10 -11.45
N GLY E 114 -7.21 30.14 -10.55
CA GLY E 114 -7.54 28.74 -10.91
C GLY E 114 -6.46 28.06 -11.75
N ILE E 115 -5.19 28.32 -11.44
CA ILE E 115 -4.02 27.67 -12.13
C ILE E 115 -3.60 26.44 -11.32
N ALA E 116 -3.52 25.28 -11.96
CA ALA E 116 -3.03 24.02 -11.36
C ALA E 116 -1.53 24.16 -11.04
N THR E 117 -1.14 23.93 -9.79
CA THR E 117 0.27 24.10 -9.33
C THR E 117 0.87 22.75 -8.95
N TYR E 118 2.13 22.57 -9.34
CA TYR E 118 2.95 21.35 -9.12
C TYR E 118 4.25 21.77 -8.43
N ALA E 119 4.68 20.95 -7.49
CA ALA E 119 5.97 21.10 -6.79
C ALA E 119 6.44 19.70 -6.40
N ASN E 120 7.75 19.55 -6.19
CA ASN E 120 8.33 18.39 -5.51
C ASN E 120 7.51 18.12 -4.24
N ALA E 121 7.07 16.86 -4.03
CA ALA E 121 6.37 16.45 -2.81
C ALA E 121 7.08 17.04 -1.59
N LEU E 122 8.43 16.97 -1.55
CA LEU E 122 9.23 17.46 -0.39
C LEU E 122 9.08 18.99 -0.26
N SER E 123 8.98 19.73 -1.37
CA SER E 123 8.71 21.20 -1.37
C SER E 123 7.37 21.45 -0.69
N ASN E 124 6.33 20.71 -1.09
CA ASN E 124 4.97 20.81 -0.49
C ASN E 124 5.07 20.51 1.00
N GLN E 125 5.89 19.53 1.39
CA GLN E 125 6.03 19.09 2.81
C GLN E 125 6.78 20.15 3.62
N LEU E 126 7.79 20.79 3.03
CA LEU E 126 8.64 21.82 3.68
C LEU E 126 7.92 23.19 3.70
N ALA E 127 6.95 23.39 2.81
CA ALA E 127 6.32 24.71 2.53
C ALA E 127 5.91 25.40 3.84
N PRO E 128 5.07 24.78 4.72
CA PRO E 128 4.64 25.44 5.97
C PRO E 128 5.80 25.94 6.84
N GLN E 129 6.82 25.13 7.09
CA GLN E 129 7.98 25.58 7.89
C GLN E 129 8.69 26.75 7.20
N GLU E 130 8.67 26.83 5.86
CA GLU E 130 9.39 27.86 5.08
C GLU E 130 8.48 29.10 4.88
N GLY E 131 7.25 29.05 5.36
CA GLY E 131 6.29 30.17 5.30
C GLY E 131 5.61 30.26 3.95
N MET E 132 5.55 29.15 3.22
CA MET E 132 4.99 29.12 1.84
C MET E 132 3.68 28.35 1.86
N VAL E 133 2.79 28.67 0.93
CA VAL E 133 1.58 27.87 0.59
C VAL E 133 2.04 26.74 -0.32
N ALA E 134 1.62 25.52 -0.03
CA ALA E 134 1.98 24.32 -0.81
C ALA E 134 1.29 24.37 -2.18
N ALA E 135 1.91 23.76 -3.20
CA ALA E 135 1.30 23.53 -4.52
C ALA E 135 0.14 22.55 -4.35
N GLN E 136 -0.80 22.52 -5.29
CA GLN E 136 -1.99 21.63 -5.25
C GLN E 136 -1.56 20.18 -5.50
N HIS E 137 -0.56 19.97 -6.37
CA HIS E 137 -0.07 18.62 -6.74
C HIS E 137 1.40 18.43 -6.37
N SER E 138 1.77 17.19 -6.07
CA SER E 138 3.12 16.73 -5.68
C SER E 138 3.74 15.94 -6.83
N LEU E 139 4.97 16.31 -7.21
CA LEU E 139 5.83 15.55 -8.14
C LEU E 139 6.64 14.55 -7.30
N THR E 140 6.76 13.32 -7.79
CA THR E 140 7.71 12.30 -7.24
C THR E 140 8.69 11.94 -8.35
N PHE E 141 9.83 11.37 -7.97
CA PHE E 141 10.98 11.14 -8.86
C PHE E 141 11.47 9.69 -8.68
N ALA E 142 11.96 9.09 -9.77
CA ALA E 142 12.77 7.85 -9.75
C ALA E 142 14.13 8.12 -9.10
N ALA E 143 14.88 7.06 -8.80
CA ALA E 143 16.22 7.14 -8.18
C ALA E 143 17.20 7.83 -9.13
N ASN E 144 16.93 7.82 -10.45
CA ASN E 144 17.78 8.45 -11.50
C ASN E 144 17.45 9.94 -11.60
N GLY E 145 16.42 10.43 -10.91
CA GLY E 145 16.10 11.87 -10.80
C GLY E 145 14.95 12.33 -11.69
N TRP E 146 14.53 11.51 -12.66
CA TRP E 146 13.46 11.89 -13.62
C TRP E 146 12.11 11.78 -12.95
N VAL E 147 11.24 12.74 -13.23
CA VAL E 147 9.89 12.83 -12.62
C VAL E 147 9.09 11.61 -13.08
N GLU E 148 8.30 11.05 -12.16
CA GLU E 148 7.29 10.00 -12.43
C GLU E 148 6.21 10.62 -13.30
N PRO E 149 6.07 10.22 -14.59
CA PRO E 149 5.17 10.90 -15.54
C PRO E 149 3.71 11.02 -15.08
N ALA E 150 3.21 10.07 -14.30
CA ALA E 150 1.82 10.09 -13.77
C ALA E 150 1.60 11.27 -12.82
N THR E 151 2.65 11.77 -12.15
CA THR E 151 2.58 12.95 -11.23
C THR E 151 2.70 14.26 -12.02
N ALA E 152 3.12 14.21 -13.28
CA ALA E 152 3.29 15.39 -14.17
C ALA E 152 2.53 15.21 -15.48
N PRO E 153 1.18 15.08 -15.43
CA PRO E 153 0.40 14.86 -16.65
C PRO E 153 0.32 16.13 -17.52
N ASN E 154 0.39 15.97 -18.85
CA ASN E 154 0.26 17.08 -19.83
C ASN E 154 1.23 18.20 -19.51
N PHE E 155 2.52 17.85 -19.31
CA PHE E 155 3.58 18.85 -19.07
C PHE E 155 4.16 19.33 -20.41
N GLY E 156 3.69 18.76 -21.52
CA GLY E 156 4.16 19.14 -22.87
C GLY E 156 5.68 19.17 -22.89
N PRO E 157 6.32 20.31 -23.25
CA PRO E 157 7.77 20.38 -23.38
C PRO E 157 8.54 20.47 -22.06
N LEU E 158 7.85 20.56 -20.92
CA LEU E 158 8.54 20.64 -19.60
C LEU E 158 9.04 19.25 -19.20
N LYS E 159 10.37 19.08 -19.17
CA LYS E 159 11.05 17.86 -18.67
C LYS E 159 11.60 18.17 -17.28
N VAL E 160 10.93 17.66 -16.25
CA VAL E 160 11.28 17.96 -14.83
C VAL E 160 12.25 16.90 -14.31
N PHE E 161 13.35 17.37 -13.74
CA PHE E 161 14.44 16.51 -13.21
C PHE E 161 14.83 16.98 -11.80
N TYR E 162 14.81 16.04 -10.85
CA TYR E 162 15.36 16.22 -9.49
C TYR E 162 16.82 15.79 -9.51
N PRO E 163 17.81 16.71 -9.42
CA PRO E 163 19.22 16.34 -9.55
C PRO E 163 19.87 15.89 -8.25
N GLY E 164 19.13 15.88 -7.15
CA GLY E 164 19.70 15.61 -5.82
C GLY E 164 19.86 16.89 -5.02
N PRO E 165 20.18 16.78 -3.72
CA PRO E 165 20.30 17.95 -2.85
C PRO E 165 21.48 18.85 -3.24
N GLY E 166 21.27 20.16 -3.13
CA GLY E 166 22.30 21.18 -3.43
C GLY E 166 21.98 22.48 -2.74
N HIS E 167 21.37 23.42 -3.45
CA HIS E 167 20.87 24.70 -2.87
C HIS E 167 19.93 24.36 -1.71
N THR E 168 19.04 23.42 -1.93
CA THR E 168 18.16 22.81 -0.91
C THR E 168 18.09 21.31 -1.19
N SER E 169 17.49 20.58 -0.28
CA SER E 169 17.15 19.15 -0.41
C SER E 169 16.06 18.96 -1.47
N ASP E 170 15.20 19.96 -1.68
CA ASP E 170 13.98 19.83 -2.54
C ASP E 170 14.19 20.47 -3.92
N ASN E 171 15.32 21.14 -4.17
CA ASN E 171 15.52 21.90 -5.45
C ASN E 171 15.28 20.98 -6.65
N ILE E 172 14.46 21.44 -7.61
CA ILE E 172 14.21 20.71 -8.88
C ILE E 172 14.61 21.61 -10.05
N THR E 173 14.70 21.01 -11.24
CA THR E 173 15.17 21.66 -12.49
C THR E 173 14.22 21.29 -13.64
N VAL E 174 14.22 22.09 -14.69
CA VAL E 174 13.26 21.97 -15.83
C VAL E 174 13.99 22.25 -17.14
N GLY E 175 13.97 21.29 -18.06
CA GLY E 175 14.40 21.48 -19.46
C GLY E 175 13.20 21.71 -20.35
N ILE E 176 13.32 22.60 -21.35
CA ILE E 176 12.22 22.86 -22.34
C ILE E 176 12.55 22.07 -23.62
N ASP E 177 11.85 20.96 -23.83
CA ASP E 177 11.94 20.13 -25.06
C ASP E 177 11.64 21.03 -26.27
N GLY E 178 12.42 20.86 -27.34
CA GLY E 178 12.31 21.63 -28.60
C GLY E 178 12.93 23.00 -28.48
N THR E 179 13.76 23.25 -27.47
CA THR E 179 14.57 24.49 -27.31
C THR E 179 15.99 24.10 -26.90
N ASP E 180 16.89 25.08 -26.74
CA ASP E 180 18.25 24.86 -26.21
C ASP E 180 18.27 25.26 -24.74
N ILE E 181 17.10 25.30 -24.10
CA ILE E 181 16.97 25.94 -22.75
C ILE E 181 16.79 24.87 -21.67
N ALA E 182 17.63 24.94 -20.63
CA ALA E 182 17.38 24.25 -19.34
C ALA E 182 17.48 25.25 -18.20
N PHE E 183 16.60 25.09 -17.21
CA PHE E 183 16.43 25.98 -16.04
C PHE E 183 16.99 25.28 -14.79
N GLY E 184 18.07 25.81 -14.24
CA GLY E 184 18.72 25.30 -13.01
C GLY E 184 18.12 25.87 -11.74
N GLY E 185 17.26 26.87 -11.84
CA GLY E 185 16.74 27.59 -10.67
C GLY E 185 17.90 28.12 -9.82
N CYS E 186 17.82 27.97 -8.50
CA CYS E 186 18.79 28.56 -7.53
C CYS E 186 20.01 27.62 -7.35
N LEU E 187 19.96 26.41 -7.92
CA LEU E 187 21.06 25.41 -7.82
C LEU E 187 22.28 25.93 -8.55
N ILE E 188 22.11 26.51 -9.74
CA ILE E 188 23.21 26.87 -10.68
C ILE E 188 23.55 28.34 -10.52
N LYS E 189 24.84 28.66 -10.49
CA LYS E 189 25.37 30.05 -10.47
CA LYS E 189 25.38 30.04 -10.48
C LYS E 189 26.00 30.34 -11.84
N ASP E 190 26.18 31.61 -12.19
CA ASP E 190 26.73 31.99 -13.52
C ASP E 190 28.22 31.61 -13.58
N SER E 191 28.73 31.40 -14.80
CA SER E 191 30.12 30.97 -15.11
C SER E 191 31.15 31.96 -14.56
N LYS E 192 30.76 33.21 -14.28
CA LYS E 192 31.68 34.25 -13.77
C LYS E 192 31.50 34.43 -12.26
N ALA E 193 30.73 33.57 -11.58
CA ALA E 193 30.42 33.74 -10.13
C ALA E 193 31.69 33.51 -9.32
N LYS E 194 31.93 34.30 -8.26
CA LYS E 194 33.16 34.24 -7.44
C LYS E 194 33.08 33.08 -6.42
N SER E 195 31.87 32.69 -6.03
CA SER E 195 31.57 31.67 -4.98
C SER E 195 30.13 31.13 -5.17
N LEU E 196 29.70 30.20 -4.31
CA LEU E 196 28.30 29.66 -4.29
C LEU E 196 27.43 30.52 -3.36
N GLY E 197 28.03 31.58 -2.78
CA GLY E 197 27.39 32.46 -1.79
C GLY E 197 27.06 31.70 -0.53
N ASN E 198 25.95 32.08 0.11
CA ASN E 198 25.54 31.56 1.44
C ASN E 198 25.15 30.08 1.30
N LEU E 199 25.70 29.24 2.18
CA LEU E 199 25.45 27.78 2.18
C LEU E 199 24.47 27.37 3.30
N GLY E 200 23.71 28.33 3.87
CA GLY E 200 22.54 28.06 4.73
C GLY E 200 21.45 27.38 3.93
N ASP E 201 20.98 26.22 4.43
CA ASP E 201 19.98 25.29 3.83
C ASP E 201 20.64 24.34 2.84
N ALA E 202 21.95 24.49 2.56
CA ALA E 202 22.59 23.83 1.41
C ALA E 202 23.21 22.49 1.83
N ASP E 203 23.17 21.51 0.93
CA ASP E 203 23.88 20.22 1.08
C ASP E 203 25.24 20.38 0.40
N THR E 204 26.27 20.83 1.12
CA THR E 204 27.63 21.06 0.56
C THR E 204 28.26 19.74 0.13
N GLU E 205 27.89 18.61 0.73
CA GLU E 205 28.46 17.28 0.40
C GLU E 205 28.00 16.85 -1.01
N HIS E 206 26.70 16.98 -1.32
CA HIS E 206 26.10 16.38 -2.55
C HIS E 206 25.95 17.43 -3.66
N TYR E 207 26.24 18.70 -3.37
CA TYR E 207 26.01 19.86 -4.27
C TYR E 207 26.67 19.60 -5.64
N ALA E 208 27.97 19.32 -5.66
CA ALA E 208 28.76 19.14 -6.92
C ALA E 208 28.11 18.08 -7.80
N ALA E 209 27.74 16.93 -7.22
CA ALA E 209 27.14 15.81 -7.97
C ALA E 209 25.75 16.22 -8.47
N SER E 210 25.03 17.02 -7.69
CA SER E 210 23.67 17.49 -8.07
C SER E 210 23.79 18.43 -9.29
N ALA E 211 24.74 19.35 -9.25
CA ALA E 211 25.07 20.26 -10.37
C ALA E 211 25.35 19.43 -11.63
N ARG E 212 26.17 18.38 -11.51
CA ARG E 212 26.60 17.57 -12.68
C ARG E 212 25.41 16.76 -13.20
N ALA E 213 24.56 16.24 -12.30
CA ALA E 213 23.37 15.44 -12.69
C ALA E 213 22.45 16.32 -13.56
N PHE E 214 22.30 17.60 -13.21
CA PHE E 214 21.52 18.59 -13.99
C PHE E 214 22.05 18.65 -15.43
N GLY E 215 23.37 18.86 -15.55
CA GLY E 215 24.13 18.79 -16.82
C GLY E 215 23.80 17.56 -17.64
N ALA E 216 23.94 16.37 -17.06
CA ALA E 216 23.78 15.07 -17.75
C ALA E 216 22.31 14.86 -18.15
N ALA E 217 21.37 15.43 -17.38
CA ALA E 217 19.91 15.29 -17.64
C ALA E 217 19.53 16.02 -18.92
N PHE E 218 20.17 17.17 -19.20
CA PHE E 218 19.85 18.04 -20.36
C PHE E 218 21.12 18.28 -21.16
N PRO E 219 21.69 17.23 -21.80
CA PRO E 219 22.98 17.37 -22.47
C PRO E 219 22.94 18.32 -23.68
N LYS E 220 21.77 18.53 -24.29
CA LYS E 220 21.60 19.34 -25.53
C LYS E 220 21.33 20.81 -25.19
N ALA E 221 21.12 21.14 -23.92
CA ALA E 221 20.81 22.53 -23.50
C ALA E 221 22.09 23.37 -23.59
N SER E 222 22.12 24.37 -24.46
CA SER E 222 23.26 25.32 -24.59
C SER E 222 22.95 26.61 -23.85
N MET E 223 21.66 26.90 -23.57
CA MET E 223 21.25 28.10 -22.77
C MET E 223 20.78 27.66 -21.37
N ILE E 224 21.51 28.09 -20.34
CA ILE E 224 21.24 27.72 -18.93
C ILE E 224 20.68 28.94 -18.21
N VAL E 225 19.38 28.89 -17.90
CA VAL E 225 18.65 29.96 -17.18
C VAL E 225 18.73 29.65 -15.68
N MET E 226 18.93 30.67 -14.84
CA MET E 226 19.02 30.48 -13.37
C MET E 226 18.37 31.67 -12.64
N SER E 227 18.13 31.53 -11.32
CA SER E 227 17.24 32.44 -10.55
C SER E 227 17.87 33.83 -10.42
N HIS E 228 19.17 33.93 -10.19
CA HIS E 228 19.82 35.20 -9.73
C HIS E 228 20.98 35.59 -10.66
N SER E 229 20.96 35.15 -11.92
CA SER E 229 21.90 35.63 -12.96
C SER E 229 21.22 35.59 -14.33
N ALA E 230 21.76 36.32 -15.29
CA ALA E 230 21.25 36.35 -16.68
C ALA E 230 21.50 34.97 -17.29
N PRO E 231 20.73 34.56 -18.31
CA PRO E 231 20.97 33.27 -18.97
C PRO E 231 22.45 33.15 -19.38
N ASP E 232 23.00 31.94 -19.31
CA ASP E 232 24.45 31.67 -19.50
C ASP E 232 24.62 30.41 -20.37
N SER E 233 25.86 30.06 -20.67
CA SER E 233 26.25 28.79 -21.37
C SER E 233 26.37 27.67 -20.34
N ARG E 234 26.59 26.44 -20.81
CA ARG E 234 26.87 25.24 -19.98
C ARG E 234 28.06 25.49 -19.06
N ALA E 235 28.89 26.51 -19.31
CA ALA E 235 30.01 26.88 -18.42
C ALA E 235 29.50 27.18 -17.01
N ALA E 236 28.22 27.56 -16.84
CA ALA E 236 27.59 27.84 -15.53
C ALA E 236 27.47 26.54 -14.71
N ILE E 237 27.11 25.46 -15.38
CA ILE E 237 26.98 24.10 -14.77
C ILE E 237 28.39 23.65 -14.31
N THR E 238 29.36 23.61 -15.23
CA THR E 238 30.77 23.20 -15.00
C THR E 238 31.37 24.03 -13.84
N HIS E 239 31.29 25.35 -13.92
CA HIS E 239 31.81 26.27 -12.89
C HIS E 239 31.14 25.97 -11.56
N THR E 240 29.81 25.79 -11.53
CA THR E 240 29.05 25.62 -10.27
C THR E 240 29.56 24.33 -9.63
N ALA E 241 29.63 23.26 -10.42
CA ALA E 241 30.11 21.93 -9.96
C ALA E 241 31.55 22.02 -9.45
N ARG E 242 32.41 22.80 -10.13
CA ARG E 242 33.85 22.89 -9.78
C ARG E 242 34.01 23.71 -8.48
N MET E 243 33.19 24.73 -8.26
CA MET E 243 33.17 25.47 -6.97
C MET E 243 32.73 24.50 -5.87
N ALA E 244 31.69 23.69 -6.13
CA ALA E 244 31.11 22.73 -5.15
C ALA E 244 32.14 21.63 -4.83
N ASP E 245 32.97 21.26 -5.80
CA ASP E 245 34.07 20.27 -5.62
C ASP E 245 34.95 20.68 -4.44
N LYS E 246 35.23 21.98 -4.29
CA LYS E 246 36.14 22.54 -3.26
C LYS E 246 35.46 22.57 -1.89
N LEU E 247 34.20 22.13 -1.77
CA LEU E 247 33.45 22.08 -0.49
C LEU E 247 33.63 20.68 0.12
N ARG E 248 33.50 19.64 -0.71
CA ARG E 248 33.62 18.24 -0.25
C ARG E 248 35.11 17.90 -0.20
N DAR F 1 15.86 36.64 6.76
CA DAR F 1 14.44 36.62 6.41
CB DAR F 1 13.58 36.21 7.63
C DAR F 1 14.16 35.70 5.21
O DAR F 1 13.16 35.93 4.53
N DAR F 2 15.05 34.75 4.92
CA DAR F 2 14.83 33.72 3.91
CB DAR F 2 16.06 32.80 3.86
CG DAR F 2 15.89 31.55 3.00
CD DAR F 2 17.06 30.60 3.22
NE DAR F 2 18.15 30.90 2.32
CZ DAR F 2 19.43 31.06 2.70
NH1 DAR F 2 19.84 30.64 3.88
NH2 DAR F 2 20.29 31.61 1.86
C DAR F 2 14.63 34.32 2.51
O DAR F 2 13.80 33.85 1.71
N LEU F 3 15.41 35.36 2.23
CA LEU F 3 15.27 36.14 1.02
C LEU F 3 16.12 35.53 -0.08
N DCY F 4 15.80 34.29 -0.45
CA DCY F 4 16.54 33.58 -1.48
C DCY F 4 18.02 33.48 -1.09
O DCY F 4 18.33 32.84 -0.08
CB DCY F 4 16.01 32.16 -1.62
SG DCY F 4 16.92 31.23 -2.87
N PRO F 5 18.96 34.08 -1.87
CA PRO F 5 20.39 33.92 -1.63
C PRO F 5 20.84 34.64 -0.34
N ILE F 6 20.11 35.68 0.06
CA ILE F 6 20.35 36.43 1.32
C ILE F 6 19.65 35.69 2.45
N PRO F 7 20.40 35.19 3.47
CA PRO F 7 19.79 34.36 4.51
C PRO F 7 18.86 35.12 5.48
N GLU F 8 19.10 36.43 5.70
CA GLU F 8 18.20 37.33 6.48
C GLU F 8 16.76 37.24 5.96
N GLY G 20 -26.62 -15.14 7.60
CA GLY G 20 -25.37 -15.01 6.79
C GLY G 20 -24.51 -13.81 7.20
N ASP G 21 -25.13 -12.75 7.72
CA ASP G 21 -24.51 -11.41 7.92
C ASP G 21 -23.52 -11.41 9.09
N GLN G 22 -22.69 -10.38 9.12
CA GLN G 22 -21.61 -10.18 10.12
C GLN G 22 -21.76 -8.79 10.72
N ARG G 23 -21.70 -8.66 12.04
CA ARG G 23 -21.85 -7.36 12.75
C ARG G 23 -20.45 -6.87 13.15
N PHE G 24 -20.25 -5.56 13.15
CA PHE G 24 -19.05 -4.88 13.67
C PHE G 24 -19.48 -3.49 14.16
N GLY G 25 -19.48 -3.27 15.47
CA GLY G 25 -20.06 -2.06 16.07
C GLY G 25 -21.50 -1.88 15.62
N ASP G 26 -21.82 -0.76 14.98
CA ASP G 26 -23.21 -0.40 14.56
C ASP G 26 -23.46 -0.86 13.10
N LEU G 27 -22.52 -1.59 12.49
CA LEU G 27 -22.54 -1.89 11.04
C LEU G 27 -22.72 -3.38 10.81
N VAL G 28 -23.31 -3.69 9.67
CA VAL G 28 -23.58 -5.07 9.17
C VAL G 28 -22.87 -5.24 7.83
N PHE G 29 -22.28 -6.40 7.60
CA PHE G 29 -21.57 -6.74 6.35
C PHE G 29 -22.14 -8.05 5.82
N ARG G 30 -22.50 -8.07 4.55
CA ARG G 30 -23.00 -9.28 3.84
C ARG G 30 -22.11 -9.52 2.61
N GLN G 31 -21.56 -10.73 2.48
CA GLN G 31 -20.74 -11.09 1.30
C GLN G 31 -21.71 -11.35 0.14
N LEU G 32 -21.53 -10.67 -0.99
CA LEU G 32 -22.42 -10.82 -2.18
C LEU G 32 -21.71 -11.64 -3.25
N ALA G 33 -20.38 -11.61 -3.26
CA ALA G 33 -19.54 -12.35 -4.23
C ALA G 33 -18.22 -12.68 -3.56
N PRO G 34 -17.38 -13.54 -4.16
CA PRO G 34 -16.06 -13.84 -3.61
C PRO G 34 -15.30 -12.60 -3.14
N ASN G 35 -15.35 -11.50 -3.88
CA ASN G 35 -14.54 -10.27 -3.59
C ASN G 35 -15.44 -9.04 -3.39
N VAL G 36 -16.71 -9.22 -3.03
CA VAL G 36 -17.66 -8.09 -2.88
C VAL G 36 -18.50 -8.30 -1.62
N TRP G 37 -18.57 -7.26 -0.79
CA TRP G 37 -19.45 -7.19 0.40
C TRP G 37 -20.28 -5.93 0.33
N GLN G 38 -21.50 -6.01 0.85
CA GLN G 38 -22.36 -4.84 1.12
C GLN G 38 -22.10 -4.40 2.55
N HIS G 39 -21.83 -3.11 2.76
CA HIS G 39 -21.81 -2.51 4.11
C HIS G 39 -23.15 -1.84 4.34
N THR G 40 -23.69 -1.98 5.55
CA THR G 40 -24.94 -1.30 5.95
C THR G 40 -24.74 -0.51 7.24
N SER G 41 -25.12 0.75 7.23
CA SER G 41 -25.13 1.64 8.42
C SER G 41 -26.56 2.14 8.64
N TYR G 42 -26.86 2.54 9.86
CA TYR G 42 -28.22 2.92 10.30
C TYR G 42 -28.16 4.30 10.95
N LEU G 43 -29.23 5.06 10.76
CA LEU G 43 -29.41 6.35 11.45
C LEU G 43 -30.81 6.29 12.06
N ASP G 44 -30.89 6.10 13.39
CA ASP G 44 -32.17 6.21 14.13
C ASP G 44 -32.52 7.70 14.18
N MET G 45 -33.62 8.10 13.56
CA MET G 45 -34.12 9.49 13.54
C MET G 45 -35.44 9.51 14.31
N PRO G 46 -35.61 10.39 15.32
CA PRO G 46 -36.88 10.47 16.05
C PRO G 46 -38.05 10.71 15.10
N GLY G 47 -39.11 9.89 15.21
CA GLY G 47 -40.34 10.01 14.41
C GLY G 47 -40.21 9.47 12.99
N PHE G 48 -39.04 8.95 12.60
CA PHE G 48 -38.85 8.18 11.34
C PHE G 48 -38.42 6.73 11.67
N GLY G 49 -37.66 6.53 12.76
CA GLY G 49 -37.07 5.22 13.10
C GLY G 49 -35.70 5.04 12.45
N ALA G 50 -35.12 3.84 12.55
CA ALA G 50 -33.80 3.46 11.98
C ALA G 50 -33.89 3.42 10.44
N VAL G 51 -32.93 4.04 9.73
CA VAL G 51 -32.87 4.06 8.24
C VAL G 51 -31.57 3.39 7.80
N ALA G 52 -31.66 2.26 7.09
CA ALA G 52 -30.50 1.55 6.51
C ALA G 52 -29.97 2.29 5.27
N SER G 53 -28.65 2.44 5.15
CA SER G 53 -27.97 2.82 3.89
C SER G 53 -26.90 1.79 3.59
N ASN G 54 -26.87 1.29 2.36
CA ASN G 54 -25.91 0.26 1.88
C ASN G 54 -24.86 0.93 0.99
N GLY G 55 -23.60 0.52 1.15
CA GLY G 55 -22.53 0.74 0.15
C GLY G 55 -21.86 -0.58 -0.18
N LEU G 56 -20.75 -0.53 -0.92
CA LEU G 56 -19.96 -1.74 -1.29
C LEU G 56 -18.51 -1.62 -0.84
N ILE G 57 -17.92 -2.78 -0.59
CA ILE G 57 -16.47 -3.02 -0.39
C ILE G 57 -16.06 -4.02 -1.47
N VAL G 58 -15.01 -3.70 -2.21
CA VAL G 58 -14.51 -4.57 -3.32
C VAL G 58 -13.04 -4.90 -3.08
N ARG G 59 -12.73 -6.20 -2.99
CA ARG G 59 -11.33 -6.69 -2.98
C ARG G 59 -10.90 -6.83 -4.43
N ASP G 60 -9.83 -6.11 -4.79
CA ASP G 60 -9.23 -6.14 -6.15
C ASP G 60 -7.73 -6.45 -6.01
N GLY G 61 -7.37 -7.75 -6.10
CA GLY G 61 -6.00 -8.23 -5.85
C GLY G 61 -5.54 -7.87 -4.45
N GLY G 62 -4.53 -6.99 -4.35
CA GLY G 62 -3.84 -6.65 -3.10
C GLY G 62 -4.33 -5.35 -2.49
N ARG G 63 -5.47 -4.82 -2.95
CA ARG G 63 -6.08 -3.59 -2.37
C ARG G 63 -7.61 -3.71 -2.30
N VAL G 64 -8.22 -2.84 -1.51
CA VAL G 64 -9.70 -2.74 -1.35
C VAL G 64 -10.16 -1.38 -1.89
N LEU G 65 -11.32 -1.39 -2.57
CA LEU G 65 -12.06 -0.20 -3.09
C LEU G 65 -13.41 -0.11 -2.36
N VAL G 66 -13.77 1.07 -1.85
CA VAL G 66 -15.05 1.33 -1.14
C VAL G 66 -15.98 2.13 -2.05
N VAL G 67 -17.26 1.76 -2.09
CA VAL G 67 -18.32 2.57 -2.75
C VAL G 67 -19.21 3.14 -1.64
N ASP G 68 -19.22 4.46 -1.49
CA ASP G 68 -20.03 5.24 -0.52
C ASP G 68 -19.46 5.11 0.90
N THR G 69 -19.64 6.18 1.68
CA THR G 69 -19.39 6.19 3.15
C THR G 69 -20.65 5.70 3.86
N ALA G 70 -20.58 5.61 5.18
CA ALA G 70 -21.74 5.43 6.07
C ALA G 70 -22.32 6.83 6.32
N TRP G 71 -23.42 6.89 7.09
CA TRP G 71 -24.08 8.16 7.49
C TRP G 71 -23.11 9.10 8.21
N THR G 72 -22.14 8.58 8.98
CA THR G 72 -21.27 9.42 9.85
C THR G 72 -19.80 9.03 9.73
N ASP G 73 -18.94 9.91 10.23
CA ASP G 73 -17.47 9.67 10.34
C ASP G 73 -17.21 8.44 11.21
N ASP G 74 -17.83 8.37 12.39
CA ASP G 74 -17.71 7.22 13.35
C ASP G 74 -18.06 5.91 12.65
N GLN G 75 -19.24 5.85 12.01
CA GLN G 75 -19.68 4.65 11.28
C GLN G 75 -18.67 4.33 10.18
N THR G 76 -18.13 5.35 9.50
CA THR G 76 -17.20 5.12 8.36
C THR G 76 -15.86 4.56 8.88
N ALA G 77 -15.38 5.06 10.02
CA ALA G 77 -14.18 4.52 10.72
C ALA G 77 -14.37 3.02 11.00
N GLN G 78 -15.56 2.64 11.47
CA GLN G 78 -15.91 1.21 11.75
C GLN G 78 -15.83 0.38 10.46
N ILE G 79 -16.23 0.93 9.30
CA ILE G 79 -16.10 0.18 8.01
C ILE G 79 -14.61 -0.10 7.78
N LEU G 80 -13.76 0.90 7.99
CA LEU G 80 -12.30 0.77 7.77
C LEU G 80 -11.71 -0.28 8.72
N ASN G 81 -12.20 -0.31 9.97
CA ASN G 81 -11.67 -1.25 11.00
C ASN G 81 -12.06 -2.66 10.62
N TRP G 82 -13.31 -2.86 10.19
CA TRP G 82 -13.83 -4.19 9.74
C TRP G 82 -12.98 -4.72 8.57
N ILE G 83 -12.68 -3.87 7.59
CA ILE G 83 -11.89 -4.25 6.39
C ILE G 83 -10.51 -4.70 6.89
N LYS G 84 -9.93 -3.88 7.78
CA LYS G 84 -8.62 -4.16 8.41
C LYS G 84 -8.65 -5.55 9.03
N GLN G 85 -9.68 -5.82 9.81
CA GLN G 85 -9.84 -7.08 10.57
C GLN G 85 -10.13 -8.26 9.65
N GLU G 86 -11.14 -8.16 8.78
CA GLU G 86 -11.64 -9.34 8.00
C GLU G 86 -10.88 -9.54 6.69
N ILE G 87 -10.39 -8.47 6.06
CA ILE G 87 -9.72 -8.55 4.72
C ILE G 87 -8.24 -8.21 4.85
N ASN G 88 -7.89 -7.23 5.69
CA ASN G 88 -6.47 -6.89 5.98
C ASN G 88 -5.74 -6.66 4.66
N LEU G 89 -6.29 -5.77 3.83
CA LEU G 89 -5.60 -5.14 2.67
C LEU G 89 -5.81 -3.65 2.79
N PRO G 90 -4.91 -2.80 2.22
CA PRO G 90 -5.09 -1.35 2.30
C PRO G 90 -6.23 -0.91 1.39
N VAL G 91 -6.94 0.16 1.79
CA VAL G 91 -8.02 0.78 0.98
C VAL G 91 -7.39 1.82 0.04
N ALA G 92 -7.27 1.49 -1.25
CA ALA G 92 -6.65 2.34 -2.29
C ALA G 92 -7.48 3.62 -2.50
N LEU G 93 -8.79 3.48 -2.60
CA LEU G 93 -9.69 4.61 -2.99
C LEU G 93 -11.13 4.31 -2.56
N ALA G 94 -11.91 5.37 -2.47
CA ALA G 94 -13.37 5.31 -2.30
C ALA G 94 -14.02 6.17 -3.39
N VAL G 95 -15.14 5.71 -3.92
CA VAL G 95 -16.01 6.54 -4.80
C VAL G 95 -17.37 6.69 -4.10
N VAL G 96 -17.89 7.91 -4.07
CA VAL G 96 -19.20 8.25 -3.42
C VAL G 96 -20.17 8.70 -4.52
N THR G 97 -21.45 8.31 -4.40
CA THR G 97 -22.40 8.24 -5.54
C THR G 97 -23.32 9.46 -5.57
N HIS G 98 -23.34 10.29 -4.51
CA HIS G 98 -23.88 11.67 -4.59
C HIS G 98 -23.75 12.42 -3.26
N ALA G 99 -24.02 13.71 -3.29
CA ALA G 99 -23.78 14.66 -2.18
C ALA G 99 -24.96 14.64 -1.22
N HIS G 100 -25.27 13.48 -0.65
CA HIS G 100 -26.18 13.34 0.51
C HIS G 100 -25.45 12.63 1.66
N GLN G 101 -25.97 12.82 2.88
CA GLN G 101 -25.37 12.31 4.14
C GLN G 101 -25.14 10.79 4.10
N ASP G 102 -26.09 10.01 3.58
CA ASP G 102 -26.00 8.53 3.54
C ASP G 102 -24.79 8.10 2.70
N LYS G 103 -24.37 8.90 1.73
CA LYS G 103 -23.31 8.51 0.74
C LYS G 103 -21.99 9.23 1.06
N MET G 104 -22.05 10.44 1.64
CA MET G 104 -20.86 11.31 1.80
C MET G 104 -20.69 11.78 3.25
N GLY G 105 -21.53 11.34 4.19
CA GLY G 105 -21.43 11.72 5.62
C GLY G 105 -20.07 11.44 6.27
N GLY G 106 -19.29 10.50 5.73
CA GLY G 106 -18.06 9.99 6.35
C GLY G 106 -16.77 10.38 5.62
N MET G 107 -16.79 11.46 4.84
CA MET G 107 -15.63 11.86 4.02
C MET G 107 -14.41 12.19 4.90
N ASP G 108 -14.59 12.91 6.01
CA ASP G 108 -13.47 13.24 6.96
C ASP G 108 -12.77 11.97 7.45
N ALA G 109 -13.52 10.91 7.72
CA ALA G 109 -12.98 9.63 8.22
C ALA G 109 -12.09 8.96 7.15
N LEU G 110 -12.47 9.04 5.87
CA LEU G 110 -11.67 8.45 4.76
C LEU G 110 -10.40 9.28 4.58
N HIS G 111 -10.52 10.60 4.70
CA HIS G 111 -9.40 11.56 4.55
C HIS G 111 -8.40 11.32 5.69
N ALA G 112 -8.88 11.32 6.94
CA ALA G 112 -8.05 11.07 8.15
C ALA G 112 -7.24 9.78 7.95
N ALA G 113 -7.79 8.79 7.25
CA ALA G 113 -7.16 7.48 6.99
C ALA G 113 -6.24 7.54 5.77
N GLY G 114 -6.06 8.72 5.16
CA GLY G 114 -5.28 8.89 3.92
C GLY G 114 -5.81 8.07 2.74
N ILE G 115 -7.14 7.96 2.61
CA ILE G 115 -7.80 7.28 1.46
C ILE G 115 -8.13 8.32 0.37
N ALA G 116 -7.70 8.07 -0.86
CA ALA G 116 -8.05 8.89 -2.04
C ALA G 116 -9.56 8.80 -2.33
N THR G 117 -10.26 9.91 -2.38
CA THR G 117 -11.73 9.95 -2.58
C THR G 117 -12.06 10.60 -3.94
N TYR G 118 -13.06 10.00 -4.61
CA TYR G 118 -13.57 10.39 -5.94
C TYR G 118 -15.08 10.57 -5.83
N ALA G 119 -15.57 11.60 -6.49
CA ALA G 119 -17.01 11.89 -6.66
C ALA G 119 -17.19 12.56 -8.02
N ASN G 120 -18.40 12.48 -8.56
CA ASN G 120 -18.86 13.34 -9.68
C ASN G 120 -18.46 14.79 -9.36
N ALA G 121 -17.81 15.47 -10.30
CA ALA G 121 -17.45 16.89 -10.16
C ALA G 121 -18.64 17.66 -9.59
N LEU G 122 -19.85 17.39 -10.08
CA LEU G 122 -21.09 18.12 -9.64
C LEU G 122 -21.38 17.82 -8.17
N SER G 123 -21.12 16.59 -7.69
CA SER G 123 -21.25 16.19 -6.25
C SER G 123 -20.31 17.08 -5.42
N ASN G 124 -19.05 17.18 -5.85
CA ASN G 124 -18.03 18.03 -5.18
C ASN G 124 -18.52 19.48 -5.16
N GLN G 125 -19.16 19.94 -6.25
CA GLN G 125 -19.63 21.34 -6.40
C GLN G 125 -20.84 21.59 -5.50
N LEU G 126 -21.73 20.59 -5.38
CA LEU G 126 -22.98 20.69 -4.58
C LEU G 126 -22.68 20.47 -3.08
N ALA G 127 -21.56 19.80 -2.75
CA ALA G 127 -21.25 19.31 -1.40
C ALA G 127 -21.48 20.39 -0.34
N PRO G 128 -20.85 21.59 -0.42
CA PRO G 128 -21.06 22.65 0.57
C PRO G 128 -22.52 23.00 0.86
N GLN G 129 -23.32 23.22 -0.18
CA GLN G 129 -24.76 23.54 0.01
C GLN G 129 -25.48 22.38 0.70
N GLU G 130 -25.04 21.14 0.47
CA GLU G 130 -25.70 19.91 1.00
C GLU G 130 -25.15 19.56 2.39
N GLY G 131 -24.16 20.31 2.88
CA GLY G 131 -23.56 20.12 4.21
C GLY G 131 -22.54 19.00 4.21
N MET G 132 -21.96 18.69 3.05
CA MET G 132 -20.99 17.56 2.92
C MET G 132 -19.59 18.15 2.68
N VAL G 133 -18.57 17.40 3.06
CA VAL G 133 -17.15 17.62 2.66
C VAL G 133 -16.99 17.03 1.27
N ALA G 134 -16.37 17.77 0.35
CA ALA G 134 -16.13 17.33 -1.04
C ALA G 134 -15.09 16.21 -1.07
N ALA G 135 -15.17 15.31 -2.05
CA ALA G 135 -14.12 14.32 -2.36
C ALA G 135 -12.87 15.06 -2.84
N GLN G 136 -11.69 14.44 -2.76
CA GLN G 136 -10.48 15.20 -3.15
C GLN G 136 -10.32 15.16 -4.67
N HIS G 137 -10.90 14.18 -5.38
CA HIS G 137 -10.88 14.13 -6.86
C HIS G 137 -12.29 14.19 -7.46
N SER G 138 -12.39 14.76 -8.66
CA SER G 138 -13.64 14.93 -9.45
C SER G 138 -13.64 13.97 -10.64
N LEU G 139 -14.73 13.21 -10.79
CA LEU G 139 -15.02 12.40 -11.99
C LEU G 139 -15.78 13.29 -12.99
N THR G 140 -15.45 13.17 -14.28
CA THR G 140 -16.22 13.75 -15.40
C THR G 140 -16.66 12.61 -16.30
N PHE G 141 -17.68 12.85 -17.13
CA PHE G 141 -18.37 11.80 -17.93
C PHE G 141 -18.47 12.27 -19.39
N ALA G 142 -18.38 11.32 -20.32
CA ALA G 142 -18.73 11.49 -21.74
C ALA G 142 -20.23 11.68 -21.90
N ALA G 143 -20.66 12.03 -23.11
CA ALA G 143 -22.09 12.33 -23.42
C ALA G 143 -22.91 11.06 -23.28
N ASN G 144 -22.28 9.89 -23.41
CA ASN G 144 -22.95 8.56 -23.33
C ASN G 144 -23.04 8.11 -21.87
N GLY G 145 -22.46 8.85 -20.92
CA GLY G 145 -22.62 8.62 -19.47
C GLY G 145 -21.44 7.91 -18.82
N TRP G 146 -20.54 7.34 -19.62
CA TRP G 146 -19.37 6.57 -19.12
C TRP G 146 -18.30 7.53 -18.62
N VAL G 147 -17.67 7.20 -17.49
CA VAL G 147 -16.66 8.07 -16.83
C VAL G 147 -15.47 8.22 -17.77
N GLU G 148 -14.91 9.43 -17.83
CA GLU G 148 -13.62 9.74 -18.50
C GLU G 148 -12.52 9.00 -17.74
N PRO G 149 -11.87 7.98 -18.33
CA PRO G 149 -10.91 7.14 -17.62
C PRO G 149 -9.76 7.89 -16.94
N ALA G 150 -9.33 9.03 -17.48
CA ALA G 150 -8.23 9.84 -16.91
C ALA G 150 -8.64 10.42 -15.55
N THR G 151 -9.93 10.62 -15.28
CA THR G 151 -10.47 11.12 -13.97
C THR G 151 -10.66 9.96 -12.98
N ALA G 152 -10.60 8.72 -13.44
CA ALA G 152 -10.79 7.49 -12.63
C ALA G 152 -9.62 6.53 -12.83
N PRO G 153 -8.38 6.93 -12.48
CA PRO G 153 -7.21 6.09 -12.71
C PRO G 153 -7.18 4.89 -11.75
N ASN G 154 -6.77 3.73 -12.25
CA ASN G 154 -6.60 2.49 -11.43
C ASN G 154 -7.89 2.19 -10.67
N PHE G 155 -9.05 2.18 -11.36
CA PHE G 155 -10.35 1.82 -10.74
C PHE G 155 -10.57 0.31 -10.83
N GLY G 156 -9.64 -0.43 -11.44
CA GLY G 156 -9.74 -1.89 -11.55
C GLY G 156 -11.13 -2.31 -12.04
N PRO G 157 -11.88 -3.15 -11.29
CA PRO G 157 -13.17 -3.64 -11.74
C PRO G 157 -14.33 -2.62 -11.62
N LEU G 158 -14.09 -1.45 -11.04
CA LEU G 158 -15.17 -0.44 -10.88
C LEU G 158 -15.43 0.25 -12.23
N LYS G 159 -16.62 0.01 -12.79
CA LYS G 159 -17.11 0.66 -14.03
C LYS G 159 -18.12 1.73 -13.62
N VAL G 160 -17.70 2.99 -13.62
CA VAL G 160 -18.54 4.13 -13.14
C VAL G 160 -19.31 4.73 -14.33
N PHE G 161 -20.62 4.85 -14.16
CA PHE G 161 -21.59 5.33 -15.17
C PHE G 161 -22.48 6.40 -14.54
N TYR G 162 -22.52 7.57 -15.18
CA TYR G 162 -23.51 8.64 -14.88
C TYR G 162 -24.73 8.42 -15.77
N PRO G 163 -25.89 8.00 -15.21
CA PRO G 163 -27.06 7.65 -16.02
C PRO G 163 -27.94 8.85 -16.38
N GLY G 164 -27.59 10.04 -15.91
CA GLY G 164 -28.43 11.24 -16.04
C GLY G 164 -29.14 11.53 -14.72
N PRO G 165 -29.80 12.70 -14.62
CA PRO G 165 -30.47 13.10 -13.38
C PRO G 165 -31.65 12.19 -13.03
N GLY G 166 -31.83 11.92 -11.74
CA GLY G 166 -32.94 11.10 -11.22
C GLY G 166 -33.18 11.42 -9.76
N HIS G 167 -32.66 10.58 -8.87
CA HIS G 167 -32.69 10.82 -7.40
C HIS G 167 -32.11 12.19 -7.12
N THR G 168 -30.98 12.48 -7.76
CA THR G 168 -30.35 13.81 -7.77
C THR G 168 -29.82 14.06 -9.19
N SER G 169 -29.39 15.31 -9.43
CA SER G 169 -28.70 15.71 -10.67
CA SER G 169 -28.70 15.72 -10.68
C SER G 169 -27.33 15.03 -10.78
N ASP G 170 -26.70 14.71 -9.63
CA ASP G 170 -25.29 14.26 -9.55
C ASP G 170 -25.19 12.75 -9.33
N ASN G 171 -26.32 12.03 -9.16
CA ASN G 171 -26.28 10.58 -8.83
C ASN G 171 -25.45 9.83 -9.87
N ILE G 172 -24.53 8.98 -9.39
CA ILE G 172 -23.72 8.09 -10.26
C ILE G 172 -23.96 6.65 -9.82
N THR G 173 -23.51 5.71 -10.67
CA THR G 173 -23.72 4.25 -10.50
C THR G 173 -22.41 3.52 -10.79
N VAL G 174 -22.28 2.29 -10.30
CA VAL G 174 -21.02 1.49 -10.35
C VAL G 174 -21.36 0.03 -10.65
N GLY G 175 -20.80 -0.52 -11.73
CA GLY G 175 -20.78 -1.96 -12.01
C GLY G 175 -19.45 -2.57 -11.55
N ILE G 176 -19.48 -3.79 -11.01
CA ILE G 176 -18.23 -4.54 -10.65
C ILE G 176 -17.94 -5.54 -11.78
N ASP G 177 -16.93 -5.23 -12.60
CA ASP G 177 -16.45 -6.12 -13.69
C ASP G 177 -16.08 -7.48 -13.09
N GLY G 178 -16.45 -8.56 -13.78
CA GLY G 178 -16.14 -9.95 -13.38
C GLY G 178 -17.07 -10.45 -12.29
N THR G 179 -18.20 -9.77 -12.05
CA THR G 179 -19.29 -10.20 -11.14
C THR G 179 -20.62 -10.03 -11.85
N ASP G 180 -21.73 -10.36 -11.19
CA ASP G 180 -23.10 -10.14 -11.69
C ASP G 180 -23.65 -8.86 -11.04
N ILE G 181 -22.78 -8.03 -10.47
CA ILE G 181 -23.23 -6.95 -9.52
C ILE G 181 -23.14 -5.57 -10.19
N ALA G 182 -24.24 -4.83 -10.18
CA ALA G 182 -24.26 -3.38 -10.44
C ALA G 182 -24.97 -2.66 -9.29
N PHE G 183 -24.45 -1.50 -8.93
CA PHE G 183 -24.89 -0.67 -7.78
C PHE G 183 -25.61 0.58 -8.32
N GLY G 184 -26.93 0.66 -8.07
CA GLY G 184 -27.79 1.78 -8.47
C GLY G 184 -27.76 2.92 -7.47
N GLY G 185 -27.20 2.71 -6.29
CA GLY G 185 -27.25 3.72 -5.21
C GLY G 185 -28.69 4.05 -4.89
N CYS G 186 -28.99 5.33 -4.71
CA CYS G 186 -30.33 5.81 -4.26
C CYS G 186 -31.27 5.98 -5.48
N LEU G 187 -30.75 5.87 -6.71
CA LEU G 187 -31.55 6.00 -7.94
C LEU G 187 -32.57 4.85 -8.03
N ILE G 188 -32.16 3.62 -7.73
CA ILE G 188 -32.98 2.38 -7.93
C ILE G 188 -33.68 2.00 -6.63
N LYS G 189 -34.95 1.61 -6.71
CA LYS G 189 -35.75 1.05 -5.60
C LYS G 189 -35.99 -0.44 -5.88
N ASP G 190 -36.37 -1.22 -4.85
CA ASP G 190 -36.55 -2.68 -5.00
C ASP G 190 -37.83 -2.96 -5.82
N SER G 191 -37.87 -4.13 -6.47
CA SER G 191 -38.97 -4.60 -7.37
C SER G 191 -40.31 -4.65 -6.64
N LYS G 192 -40.32 -4.69 -5.31
CA LYS G 192 -41.56 -4.77 -4.49
C LYS G 192 -41.88 -3.40 -3.91
N ALA G 193 -41.20 -2.33 -4.30
CA ALA G 193 -41.37 -0.99 -3.67
C ALA G 193 -42.74 -0.43 -4.06
N LYS G 194 -43.44 0.20 -3.12
CA LYS G 194 -44.80 0.76 -3.32
C LYS G 194 -44.71 2.15 -3.98
N SER G 195 -43.56 2.83 -3.85
CA SER G 195 -43.33 4.21 -4.38
C SER G 195 -41.83 4.48 -4.60
N LEU G 196 -41.48 5.67 -5.09
CA LEU G 196 -40.06 6.10 -5.26
C LEU G 196 -39.57 6.78 -3.98
N GLY G 197 -40.46 6.92 -2.99
CA GLY G 197 -40.16 7.65 -1.74
C GLY G 197 -39.79 9.12 -2.01
N ASN G 198 -38.71 9.63 -1.41
CA ASN G 198 -38.33 11.06 -1.38
C ASN G 198 -37.99 11.60 -2.78
N LEU G 199 -38.73 12.58 -3.28
CA LEU G 199 -38.48 13.19 -4.61
C LEU G 199 -38.04 14.65 -4.42
N GLY G 200 -37.55 15.02 -3.24
CA GLY G 200 -37.22 16.43 -2.89
C GLY G 200 -36.14 17.03 -3.77
N ASP G 201 -35.03 16.35 -4.01
CA ASP G 201 -33.97 16.89 -4.89
C ASP G 201 -34.05 16.21 -6.26
N ALA G 202 -35.20 15.63 -6.61
CA ALA G 202 -35.31 14.69 -7.74
C ALA G 202 -35.61 15.44 -9.04
N ASP G 203 -35.07 14.92 -10.15
CA ASP G 203 -35.44 15.33 -11.51
C ASP G 203 -36.55 14.37 -11.96
N THR G 204 -37.80 14.76 -11.72
CA THR G 204 -38.98 13.89 -12.04
C THR G 204 -39.11 13.70 -13.56
N GLU G 205 -38.64 14.65 -14.35
CA GLU G 205 -38.76 14.57 -15.83
C GLU G 205 -37.81 13.50 -16.40
N HIS G 206 -36.56 13.46 -15.94
CA HIS G 206 -35.50 12.62 -16.56
C HIS G 206 -35.31 11.30 -15.80
N TYR G 207 -35.98 11.13 -14.65
CA TYR G 207 -35.78 9.98 -13.72
C TYR G 207 -35.94 8.68 -14.49
N ALA G 208 -37.09 8.46 -15.15
CA ALA G 208 -37.42 7.18 -15.82
C ALA G 208 -36.31 6.81 -16.81
N ALA G 209 -35.87 7.77 -17.63
CA ALA G 209 -34.81 7.53 -18.65
C ALA G 209 -33.48 7.24 -17.96
N SER G 210 -33.21 7.89 -16.82
CA SER G 210 -31.94 7.69 -16.08
C SER G 210 -31.93 6.26 -15.52
N ALA G 211 -33.05 5.80 -14.94
CA ALA G 211 -33.23 4.42 -14.43
C ALA G 211 -32.92 3.44 -15.56
N ARG G 212 -33.48 3.67 -16.76
CA ARG G 212 -33.34 2.73 -17.90
C ARG G 212 -31.90 2.78 -18.41
N ALA G 213 -31.25 3.95 -18.43
CA ALA G 213 -29.85 4.10 -18.89
C ALA G 213 -28.92 3.24 -18.00
N PHE G 214 -29.19 3.19 -16.69
CA PHE G 214 -28.46 2.34 -15.72
C PHE G 214 -28.54 0.86 -16.16
N GLY G 215 -29.77 0.40 -16.41
CA GLY G 215 -30.08 -0.91 -17.02
C GLY G 215 -29.24 -1.21 -18.24
N ALA G 216 -29.26 -0.33 -19.24
CA ALA G 216 -28.58 -0.53 -20.55
C ALA G 216 -27.06 -0.48 -20.37
N ALA G 217 -26.55 0.24 -19.37
CA ALA G 217 -25.09 0.40 -19.10
C ALA G 217 -24.52 -0.93 -18.61
N PHE G 218 -25.29 -1.68 -17.83
CA PHE G 218 -24.84 -2.96 -17.22
C PHE G 218 -25.85 -4.05 -17.58
N PRO G 219 -25.95 -4.44 -18.86
CA PRO G 219 -26.99 -5.39 -19.28
C PRO G 219 -26.80 -6.81 -18.68
N LYS G 220 -25.58 -7.19 -18.31
CA LYS G 220 -25.23 -8.54 -17.81
C LYS G 220 -25.37 -8.61 -16.28
N ALA G 221 -25.65 -7.50 -15.61
CA ALA G 221 -25.77 -7.47 -14.13
C ALA G 221 -27.09 -8.12 -13.75
N SER G 222 -27.05 -9.24 -13.04
CA SER G 222 -28.27 -9.95 -12.56
C SER G 222 -28.53 -9.59 -11.10
N MET G 223 -27.51 -9.12 -10.36
CA MET G 223 -27.67 -8.67 -8.95
C MET G 223 -27.58 -7.14 -8.88
N ILE G 224 -28.67 -6.50 -8.48
CA ILE G 224 -28.80 -5.02 -8.42
C ILE G 224 -28.80 -4.63 -6.95
N VAL G 225 -27.69 -4.04 -6.50
CA VAL G 225 -27.51 -3.51 -5.12
C VAL G 225 -27.98 -2.05 -5.12
N MET G 226 -28.66 -1.63 -4.06
CA MET G 226 -29.16 -0.25 -3.91
C MET G 226 -29.07 0.20 -2.44
N SER G 227 -29.21 1.50 -2.19
CA SER G 227 -28.90 2.14 -0.89
C SER G 227 -29.87 1.66 0.22
N HIS G 228 -31.16 1.51 -0.08
CA HIS G 228 -32.21 1.40 0.96
C HIS G 228 -33.05 0.14 0.76
N SER G 229 -32.52 -0.88 0.09
CA SER G 229 -33.15 -2.23 -0.01
C SER G 229 -32.08 -3.29 -0.15
N ALA G 230 -32.44 -4.53 0.15
CA ALA G 230 -31.58 -5.71 -0.02
C ALA G 230 -31.31 -5.89 -1.51
N PRO G 231 -30.18 -6.52 -1.89
CA PRO G 231 -29.89 -6.78 -3.30
C PRO G 231 -31.09 -7.46 -3.96
N ASP G 232 -31.33 -7.11 -5.23
CA ASP G 232 -32.54 -7.54 -5.99
C ASP G 232 -32.14 -7.97 -7.40
N SER G 233 -33.11 -8.43 -8.18
CA SER G 233 -32.96 -8.80 -9.61
C SER G 233 -33.14 -7.52 -10.44
N ARG G 234 -32.90 -7.62 -11.75
CA ARG G 234 -33.12 -6.53 -12.73
C ARG G 234 -34.57 -6.02 -12.67
N ALA G 235 -35.49 -6.75 -12.05
CA ALA G 235 -36.89 -6.31 -11.86
C ALA G 235 -36.93 -4.98 -11.10
N ALA G 236 -35.88 -4.67 -10.31
CA ALA G 236 -35.77 -3.40 -9.53
C ALA G 236 -35.61 -2.21 -10.49
N ILE G 237 -34.81 -2.41 -11.55
CA ILE G 237 -34.59 -1.39 -12.61
C ILE G 237 -35.92 -1.13 -13.34
N THR G 238 -36.54 -2.18 -13.90
CA THR G 238 -37.79 -2.04 -14.71
C THR G 238 -38.92 -1.46 -13.84
N HIS G 239 -39.12 -1.98 -12.62
CA HIS G 239 -40.13 -1.43 -11.68
C HIS G 239 -39.86 0.06 -11.40
N THR G 240 -38.60 0.42 -11.14
CA THR G 240 -38.22 1.80 -10.74
C THR G 240 -38.58 2.71 -11.92
N ALA G 241 -38.17 2.31 -13.13
CA ALA G 241 -38.42 3.09 -14.37
C ALA G 241 -39.93 3.24 -14.60
N ARG G 242 -40.70 2.18 -14.34
CA ARG G 242 -42.18 2.15 -14.55
C ARG G 242 -42.86 3.11 -13.55
N MET G 243 -42.40 3.11 -12.30
CA MET G 243 -42.91 4.07 -11.26
C MET G 243 -42.57 5.49 -11.72
N ALA G 244 -41.35 5.72 -12.22
CA ALA G 244 -40.83 7.05 -12.64
C ALA G 244 -41.63 7.54 -13.84
N ASP G 245 -42.08 6.63 -14.70
CA ASP G 245 -42.93 6.97 -15.88
C ASP G 245 -44.16 7.76 -15.42
N LYS G 246 -44.76 7.37 -14.28
CA LYS G 246 -45.98 7.99 -13.71
C LYS G 246 -45.68 9.34 -13.01
N LEU G 247 -44.45 9.82 -13.04
CA LEU G 247 -44.04 11.15 -12.47
C LEU G 247 -44.12 12.19 -13.58
N ARG G 248 -43.62 11.83 -14.77
CA ARG G 248 -43.55 12.68 -15.99
C ARG G 248 -44.99 12.86 -16.49
N DAR H 1 -33.90 17.54 7.71
CA DAR H 1 -32.47 17.66 7.92
CB DAR H 1 -32.18 19.04 8.56
C DAR H 1 -31.72 17.46 6.60
O DAR H 1 -30.68 18.08 6.37
N DAR H 2 -32.24 16.60 5.71
CA DAR H 2 -31.51 16.15 4.53
CB DAR H 2 -32.44 15.99 3.32
CG DAR H 2 -31.78 15.41 2.08
CD DAR H 2 -32.72 15.16 0.94
NE DAR H 2 -34.11 15.10 1.42
CZ DAR H 2 -35.14 15.69 0.81
NH1 DAR H 2 -36.16 16.14 1.53
NH2 DAR H 2 -35.15 15.82 -0.49
C DAR H 2 -30.81 14.82 4.85
O DAR H 2 -29.62 14.71 4.59
N LEU H 3 -31.56 13.87 5.40
CA LEU H 3 -30.98 12.60 5.83
C LEU H 3 -31.45 11.49 4.89
N DCY H 4 -30.97 11.56 3.64
CA DCY H 4 -31.32 10.58 2.64
C DCY H 4 -32.82 10.60 2.38
O DCY H 4 -33.33 11.59 1.87
CB DCY H 4 -30.58 10.90 1.35
SG DCY H 4 -30.95 9.74 0.02
N PRO H 5 -33.52 9.47 2.60
CA PRO H 5 -34.96 9.35 2.36
C PRO H 5 -35.81 10.17 3.35
N ILE H 6 -35.25 10.56 4.49
CA ILE H 6 -35.91 11.48 5.44
C ILE H 6 -35.84 12.91 4.89
N PRO H 7 -37.00 13.57 4.69
CA PRO H 7 -37.05 15.02 4.46
C PRO H 7 -36.26 15.82 5.51
N GLU H 8 -36.61 15.64 6.79
CA GLU H 8 -36.08 16.48 7.92
C GLU H 8 -34.55 16.38 7.91
ZN ZN I . -12.76 -39.10 6.84
ZN ZN J . -13.38 -35.59 5.53
ZN ZN K . -15.95 -46.54 7.36
ZN ZN L . 22.95 8.00 9.50
ZN ZN M . 23.07 5.91 12.68
ZN ZN N . 27.42 11.84 3.76
ZN ZN O . 15.02 27.71 5.40
ZN ZN P . 16.31 29.00 -2.47
ZN ZN Q . 16.73 31.83 -5.05
ZN ZN R . -29.69 10.85 -1.85
ZN ZN S . -30.24 7.63 0.00
ZN ZN T . -30.93 18.91 -1.12
#